data_1YBT
#
_entry.id   1YBT
#
_cell.length_a   90.704
_cell.length_b   44.386
_cell.length_c   80.425
_cell.angle_alpha   90.00
_cell.angle_beta   90.00
_cell.angle_gamma   90.00
#
_symmetry.space_group_name_H-M   'P 1 2 1'
#
loop_
_entity.id
_entity.type
_entity.pdbx_description
1 polymer 'hydrolase, alpha/beta hydrolase fold family'
2 water water
#
_entity_poly.entity_id   1
_entity_poly.type   'polypeptide(L)'
_entity_poly.pdbx_seq_one_letter_code
;(MSE)RGSHHHHHHGSAER(MSE)LATI(MSE)FTDIVGSTQHAAALGDDRWRDLLDNHDTIVCHEIQRFGGREVNTAGD
GFVATFTSPSAAIACADDIVDAVAALGIEVRIGIHAGEVEVRDASHGTDVAGVAVHIGARVCALAGPSEVLVSSTVRDIV
AGSRHRFAERGEQELKGVPGRWRLCVL(MSE)RDDATRTR
;
_entity_poly.pdbx_strand_id   A,B,C,D
#
# COMPACT_ATOMS: atom_id res chain seq x y z
N ALA A 13 -3.60 -22.45 -0.42
CA ALA A 13 -3.30 -21.01 -0.11
C ALA A 13 -4.42 -20.34 0.72
N GLU A 14 -4.79 -21.00 1.82
CA GLU A 14 -5.85 -20.54 2.74
C GLU A 14 -5.43 -19.56 3.85
N ARG A 15 -6.19 -18.48 4.03
CA ARG A 15 -5.94 -17.51 5.09
C ARG A 15 -6.65 -18.04 6.32
N LEU A 17 -6.80 -18.29 10.95
CA LEU A 17 -6.41 -17.90 12.28
C LEU A 17 -5.82 -19.16 12.94
N ALA A 18 -4.59 -19.07 13.40
CA ALA A 18 -4.00 -20.24 14.02
C ALA A 18 -3.17 -19.95 15.25
N THR A 19 -3.11 -20.95 16.13
CA THR A 19 -2.31 -20.88 17.33
C THR A 19 -1.08 -21.70 16.95
N ILE A 20 0.11 -21.09 17.01
CA ILE A 20 1.35 -21.77 16.63
C ILE A 20 2.32 -21.90 17.82
N PHE A 22 6.19 -22.84 18.97
CA PHE A 22 7.55 -23.05 18.49
C PHE A 22 8.37 -23.55 19.66
N THR A 23 9.19 -24.55 19.43
CA THR A 23 10.01 -25.05 20.52
C THR A 23 11.42 -25.15 20.02
N ASP A 24 12.37 -25.14 20.94
CA ASP A 24 13.76 -25.23 20.56
C ASP A 24 14.58 -25.81 21.73
N ILE A 25 15.62 -26.59 21.42
CA ILE A 25 16.47 -27.14 22.47
C ILE A 25 17.50 -26.12 22.91
N VAL A 26 17.60 -25.91 24.21
CA VAL A 26 18.57 -24.98 24.74
C VAL A 26 19.96 -25.65 24.61
N GLY A 27 20.93 -24.91 24.09
CA GLY A 27 22.28 -25.40 23.88
C GLY A 27 22.48 -26.58 22.94
N SER A 28 21.65 -26.73 21.91
CA SER A 28 21.80 -27.91 21.05
C SER A 28 23.20 -28.05 20.48
N THR A 29 23.80 -26.93 20.12
CA THR A 29 25.14 -26.93 19.55
C THR A 29 26.17 -27.53 20.50
N GLN A 30 26.13 -27.13 21.78
CA GLN A 30 27.09 -27.67 22.73
C GLN A 30 26.79 -29.14 23.08
N HIS A 31 25.52 -29.54 23.09
CA HIS A 31 25.23 -30.94 23.41
C HIS A 31 25.79 -31.80 22.29
N ALA A 32 25.61 -31.37 21.05
CA ALA A 32 26.10 -32.12 19.92
C ALA A 32 27.62 -32.22 19.89
N ALA A 33 28.28 -31.20 20.40
CA ALA A 33 29.73 -31.20 20.40
C ALA A 33 30.28 -32.02 21.56
N ALA A 34 29.58 -31.99 22.68
CA ALA A 34 30.01 -32.75 23.85
C ALA A 34 29.69 -34.26 23.74
N LEU A 35 28.60 -34.59 23.05
CA LEU A 35 28.18 -35.98 22.91
C LEU A 35 28.69 -36.67 21.68
N GLY A 36 28.98 -35.92 20.63
CA GLY A 36 29.46 -36.54 19.40
C GLY A 36 28.23 -36.94 18.62
N ASP A 37 28.39 -37.18 17.32
CA ASP A 37 27.27 -37.51 16.44
C ASP A 37 26.39 -38.66 16.87
N ASP A 38 27.01 -39.76 17.28
CA ASP A 38 26.31 -40.97 17.72
C ASP A 38 25.29 -40.74 18.84
N ARG A 39 25.77 -40.20 19.96
CA ARG A 39 24.94 -39.93 21.11
C ARG A 39 23.94 -38.80 20.90
N TRP A 40 24.35 -37.82 20.07
CA TRP A 40 23.48 -36.69 19.80
C TRP A 40 22.28 -37.18 18.99
N ARG A 41 22.53 -37.96 17.94
CA ARG A 41 21.43 -38.50 17.12
C ARG A 41 20.43 -39.24 18.00
N ASP A 42 20.92 -39.93 19.04
CA ASP A 42 20.07 -40.68 19.96
C ASP A 42 19.12 -39.73 20.71
N LEU A 43 19.71 -38.73 21.37
CA LEU A 43 18.96 -37.75 22.13
C LEU A 43 17.90 -37.05 21.26
N LEU A 44 18.30 -36.74 20.02
CA LEU A 44 17.43 -36.08 19.07
C LEU A 44 16.28 -36.99 18.63
N ASP A 45 16.49 -38.30 18.66
CA ASP A 45 15.39 -39.20 18.32
C ASP A 45 14.46 -39.30 19.57
N ASN A 46 15.06 -39.27 20.76
CA ASN A 46 14.27 -39.34 21.96
C ASN A 46 13.39 -38.09 22.07
N HIS A 47 13.99 -36.92 21.84
CA HIS A 47 13.30 -35.63 21.89
C HIS A 47 12.15 -35.60 20.90
N ASP A 48 12.43 -35.95 19.66
CA ASP A 48 11.42 -35.92 18.62
C ASP A 48 10.27 -36.86 18.88
N THR A 49 10.57 -38.06 19.32
CA THR A 49 9.52 -39.03 19.60
C THR A 49 8.65 -38.46 20.70
N ILE A 50 9.28 -37.94 21.75
CA ILE A 50 8.56 -37.37 22.89
C ILE A 50 7.69 -36.18 22.44
N VAL A 51 8.31 -35.20 21.79
CA VAL A 51 7.56 -34.02 21.37
C VAL A 51 6.44 -34.38 20.40
N CYS A 52 6.72 -35.25 19.44
CA CYS A 52 5.69 -35.64 18.48
C CYS A 52 4.51 -36.32 19.17
N HIS A 53 4.78 -37.14 20.18
CA HIS A 53 3.68 -37.80 20.87
C HIS A 53 2.82 -36.80 21.66
N GLU A 54 3.49 -35.86 22.32
CA GLU A 54 2.83 -34.82 23.10
C GLU A 54 1.89 -33.98 22.18
N ILE A 55 2.41 -33.56 21.03
CA ILE A 55 1.64 -32.79 20.08
C ILE A 55 0.39 -33.57 19.65
N GLN A 56 0.57 -34.82 19.25
CA GLN A 56 -0.55 -35.67 18.86
C GLN A 56 -1.55 -35.70 20.00
N ARG A 57 -1.05 -36.02 21.19
CA ARG A 57 -1.85 -36.09 22.42
C ARG A 57 -2.79 -34.90 22.59
N PHE A 58 -2.26 -33.69 22.43
CA PHE A 58 -3.10 -32.51 22.61
C PHE A 58 -3.77 -31.97 21.35
N GLY A 59 -3.80 -32.76 20.28
CA GLY A 59 -4.48 -32.35 19.05
C GLY A 59 -3.76 -31.38 18.13
N GLY A 60 -2.44 -31.27 18.28
CA GLY A 60 -1.73 -30.37 17.41
C GLY A 60 -1.29 -31.03 16.13
N ARG A 61 -0.85 -30.21 15.18
CA ARG A 61 -0.38 -30.71 13.91
C ARG A 61 1.00 -30.12 13.64
N GLU A 62 1.95 -30.98 13.36
CA GLU A 62 3.28 -30.51 13.08
C GLU A 62 3.20 -29.86 11.73
N VAL A 63 3.80 -28.69 11.62
CA VAL A 63 3.80 -27.98 10.36
C VAL A 63 5.25 -27.81 10.03
N ASN A 64 5.56 -28.13 8.78
CA ASN A 64 6.92 -28.14 8.27
C ASN A 64 7.95 -27.09 8.65
N THR A 65 9.15 -27.63 8.82
CA THR A 65 10.38 -26.90 9.13
C THR A 65 11.51 -27.88 8.81
N ALA A 66 12.69 -27.33 8.57
CA ALA A 66 13.88 -28.14 8.31
C ALA A 66 14.82 -27.80 9.44
N GLY A 67 14.44 -26.75 10.17
CA GLY A 67 15.22 -26.26 11.28
C GLY A 67 14.99 -26.99 12.58
N ASP A 68 15.86 -27.97 12.83
CA ASP A 68 15.86 -28.82 14.03
C ASP A 68 14.72 -28.73 15.04
N GLY A 69 14.29 -27.51 15.39
CA GLY A 69 13.22 -27.33 16.35
C GLY A 69 11.85 -27.69 15.80
N PHE A 70 10.86 -27.71 16.69
CA PHE A 70 9.50 -28.02 16.31
C PHE A 70 8.58 -26.83 16.19
N VAL A 71 7.60 -26.95 15.31
CA VAL A 71 6.59 -25.94 15.10
C VAL A 71 5.30 -26.72 14.88
N ALA A 72 4.24 -26.36 15.60
CA ALA A 72 2.96 -27.05 15.44
C ALA A 72 1.77 -26.11 15.66
N THR A 73 0.67 -26.38 14.97
CA THR A 73 -0.55 -25.58 15.10
C THR A 73 -1.59 -26.37 15.91
N PHE A 74 -2.50 -25.64 16.54
CA PHE A 74 -3.56 -26.22 17.36
C PHE A 74 -4.84 -25.46 17.13
N THR A 75 -5.96 -26.15 17.01
CA THR A 75 -7.25 -25.47 16.80
C THR A 75 -7.65 -24.84 18.13
N SER A 76 -7.05 -25.34 19.20
CA SER A 76 -7.33 -24.81 20.54
C SER A 76 -6.08 -24.17 21.20
N PRO A 77 -6.15 -22.89 21.55
CA PRO A 77 -5.01 -22.23 22.20
C PRO A 77 -4.76 -22.78 23.61
N SER A 78 -5.80 -23.27 24.26
CA SER A 78 -5.65 -23.86 25.58
C SER A 78 -4.88 -25.16 25.46
N ALA A 79 -5.16 -25.91 24.39
CA ALA A 79 -4.47 -27.18 24.13
C ALA A 79 -2.98 -26.94 23.88
N ALA A 80 -2.68 -25.87 23.18
CA ALA A 80 -1.31 -25.52 22.84
C ALA A 80 -0.51 -25.19 24.13
N ILE A 81 -1.14 -24.44 25.03
CA ILE A 81 -0.48 -24.05 26.28
C ILE A 81 -0.22 -25.28 27.12
N ALA A 82 -1.26 -26.10 27.32
CA ALA A 82 -1.15 -27.34 28.13
C ALA A 82 -0.13 -28.30 27.49
N CYS A 83 -0.10 -28.35 26.18
CA CYS A 83 0.85 -29.19 25.51
C CYS A 83 2.27 -28.64 25.80
N ALA A 84 2.45 -27.34 25.64
CA ALA A 84 3.78 -26.78 25.90
C ALA A 84 4.20 -27.10 27.33
N ASP A 85 3.28 -26.93 28.28
CA ASP A 85 3.58 -27.16 29.67
C ASP A 85 4.09 -28.57 29.92
N ASP A 86 3.42 -29.53 29.29
CA ASP A 86 3.80 -30.92 29.41
C ASP A 86 5.13 -31.25 28.69
N ILE A 87 5.38 -30.63 27.54
CA ILE A 87 6.62 -30.90 26.82
C ILE A 87 7.83 -30.49 27.66
N VAL A 88 7.74 -29.36 28.35
CA VAL A 88 8.85 -28.89 29.16
C VAL A 88 9.23 -29.93 30.21
N ASP A 89 8.24 -30.49 30.90
CA ASP A 89 8.56 -31.50 31.91
C ASP A 89 9.04 -32.79 31.26
N ALA A 90 8.37 -33.22 30.20
CA ALA A 90 8.75 -34.48 29.55
C ALA A 90 10.17 -34.53 29.01
N VAL A 91 10.62 -33.48 28.29
CA VAL A 91 11.98 -33.54 27.77
C VAL A 91 13.02 -33.39 28.86
N ALA A 92 12.63 -32.79 29.97
CA ALA A 92 13.55 -32.64 31.08
C ALA A 92 14.09 -34.01 31.49
N ALA A 93 13.30 -35.03 31.19
CA ALA A 93 13.66 -36.39 31.51
C ALA A 93 14.97 -36.81 30.87
N LEU A 94 15.20 -36.31 29.65
CA LEU A 94 16.40 -36.62 28.88
C LEU A 94 17.61 -35.78 29.35
N GLY A 95 17.42 -34.97 30.37
CA GLY A 95 18.52 -34.14 30.83
C GLY A 95 18.76 -32.84 30.04
N ILE A 96 17.84 -32.48 29.13
CA ILE A 96 17.97 -31.24 28.37
C ILE A 96 16.80 -30.33 28.66
N GLU A 97 16.91 -29.07 28.26
CA GLU A 97 15.82 -28.14 28.46
C GLU A 97 15.38 -27.64 27.10
N VAL A 98 14.17 -27.13 27.06
CA VAL A 98 13.63 -26.66 25.81
C VAL A 98 13.05 -25.29 26.07
N ARG A 99 12.98 -24.44 25.05
CA ARG A 99 12.38 -23.12 25.24
C ARG A 99 11.13 -23.10 24.31
N ILE A 100 10.06 -22.47 24.76
CA ILE A 100 8.83 -22.48 23.97
C ILE A 100 8.09 -21.18 23.87
N GLY A 101 7.69 -20.87 22.63
CA GLY A 101 6.95 -19.65 22.34
C GLY A 101 5.64 -20.00 21.65
N ILE A 102 4.59 -19.31 22.04
CA ILE A 102 3.29 -19.54 21.43
C ILE A 102 2.70 -18.22 20.97
N HIS A 103 2.12 -18.19 19.79
CA HIS A 103 1.50 -16.97 19.27
C HIS A 103 0.30 -17.36 18.43
N ALA A 104 -0.64 -16.45 18.31
CA ALA A 104 -1.82 -16.70 17.48
C ALA A 104 -2.00 -15.54 16.52
N GLY A 105 -2.15 -15.87 15.24
CA GLY A 105 -2.37 -14.87 14.23
C GLY A 105 -2.86 -15.50 12.94
N GLU A 106 -3.16 -14.66 11.97
CA GLU A 106 -3.64 -15.13 10.67
C GLU A 106 -2.37 -15.51 9.91
N VAL A 107 -2.43 -16.66 9.24
CA VAL A 107 -1.33 -17.17 8.48
C VAL A 107 -1.84 -17.84 7.20
N GLU A 108 -0.97 -17.92 6.21
CA GLU A 108 -1.30 -18.58 4.96
C GLU A 108 -1.00 -20.06 5.21
N VAL A 109 -1.99 -20.92 5.04
CA VAL A 109 -1.81 -22.36 5.24
C VAL A 109 -1.86 -23.07 3.90
N ARG A 110 -1.09 -24.15 3.78
CA ARG A 110 -1.03 -24.96 2.55
C ARG A 110 -0.80 -26.41 2.99
N ASP A 111 -1.81 -27.28 2.97
CA ASP A 111 -1.53 -28.66 3.42
C ASP A 111 -1.37 -29.69 2.31
N ALA A 112 -0.12 -30.02 2.01
CA ALA A 112 0.19 -31.02 1.00
C ALA A 112 0.13 -32.38 1.66
N SER A 113 0.50 -33.41 0.91
CA SER A 113 0.52 -34.76 1.45
C SER A 113 1.94 -34.98 1.95
N HIS A 114 2.82 -34.02 1.64
CA HIS A 114 4.21 -34.05 2.08
C HIS A 114 4.32 -33.33 3.44
N GLY A 115 3.18 -32.82 3.91
CA GLY A 115 3.14 -32.10 5.17
C GLY A 115 2.41 -30.77 5.00
N THR A 116 2.26 -30.04 6.10
CA THR A 116 1.58 -28.75 6.09
C THR A 116 2.61 -27.63 6.28
N ASP A 117 2.50 -26.59 5.46
CA ASP A 117 3.39 -25.43 5.54
C ASP A 117 2.56 -24.20 5.98
N VAL A 118 3.16 -23.37 6.83
CA VAL A 118 2.45 -22.21 7.32
C VAL A 118 3.36 -21.02 7.16
N ALA A 119 2.80 -19.88 6.74
CA ALA A 119 3.63 -18.70 6.51
C ALA A 119 2.93 -17.39 6.91
N GLY A 120 3.73 -16.33 7.04
CA GLY A 120 3.17 -15.05 7.41
C GLY A 120 3.87 -14.38 8.57
N VAL A 121 3.56 -13.11 8.79
CA VAL A 121 4.16 -12.35 9.88
C VAL A 121 3.89 -13.07 11.23
N ALA A 122 2.73 -13.68 11.37
CA ALA A 122 2.41 -14.37 12.62
C ALA A 122 3.43 -15.47 12.88
N VAL A 123 3.89 -16.11 11.82
CA VAL A 123 4.88 -17.17 11.95
C VAL A 123 6.20 -16.60 12.44
N HIS A 124 6.58 -15.42 11.95
CA HIS A 124 7.84 -14.80 12.37
C HIS A 124 7.76 -14.34 13.80
N ILE A 125 6.61 -13.81 14.20
CA ILE A 125 6.43 -13.37 15.57
C ILE A 125 6.57 -14.60 16.52
N GLY A 126 5.91 -15.70 16.15
CA GLY A 126 6.00 -16.91 16.94
C GLY A 126 7.45 -17.35 17.17
N ALA A 127 8.22 -17.42 16.09
CA ALA A 127 9.62 -17.81 16.19
C ALA A 127 10.39 -16.83 17.07
N ARG A 128 10.04 -15.54 16.99
CA ARG A 128 10.69 -14.50 17.80
C ARG A 128 10.40 -14.69 19.29
N VAL A 129 9.14 -14.96 19.61
CA VAL A 129 8.74 -15.17 20.99
C VAL A 129 9.49 -16.36 21.57
N CYS A 130 9.65 -17.40 20.77
CA CYS A 130 10.36 -18.58 21.19
C CYS A 130 11.79 -18.19 21.57
N ALA A 131 12.49 -17.48 20.68
CA ALA A 131 13.86 -17.03 20.95
C ALA A 131 14.00 -16.21 22.23
N LEU A 132 12.99 -15.42 22.57
CA LEU A 132 13.02 -14.62 23.78
C LEU A 132 12.67 -15.44 25.02
N ALA A 133 12.23 -16.67 24.82
CA ALA A 133 11.87 -17.50 25.95
C ALA A 133 13.12 -18.10 26.61
N GLY A 134 13.10 -18.18 27.94
CA GLY A 134 14.22 -18.75 28.65
C GLY A 134 14.13 -20.27 28.72
N PRO A 135 15.17 -20.92 29.21
CA PRO A 135 15.17 -22.39 29.30
C PRO A 135 14.00 -22.89 30.13
N SER A 136 13.30 -23.93 29.64
CA SER A 136 12.15 -24.53 30.35
C SER A 136 11.01 -23.55 30.57
N GLU A 137 10.97 -22.50 29.77
CA GLU A 137 9.95 -21.50 29.90
C GLU A 137 8.98 -21.56 28.74
N VAL A 138 7.74 -21.22 29.03
CA VAL A 138 6.71 -21.16 28.02
C VAL A 138 6.38 -19.68 27.92
N LEU A 139 6.79 -19.06 26.83
CA LEU A 139 6.56 -17.64 26.66
C LEU A 139 5.44 -17.47 25.64
N VAL A 140 4.54 -16.57 25.96
CA VAL A 140 3.36 -16.38 25.16
C VAL A 140 3.12 -14.91 24.82
N SER A 141 2.56 -14.64 23.65
CA SER A 141 2.25 -13.26 23.26
C SER A 141 0.96 -12.84 24.04
N SER A 142 0.76 -11.55 24.25
CA SER A 142 -0.44 -11.07 24.96
C SER A 142 -1.67 -11.44 24.15
N THR A 143 -1.48 -11.67 22.86
CA THR A 143 -2.57 -12.09 22.01
C THR A 143 -3.07 -13.43 22.49
N VAL A 144 -2.15 -14.34 22.80
CA VAL A 144 -2.52 -15.65 23.28
C VAL A 144 -3.10 -15.56 24.68
N ARG A 145 -2.53 -14.73 25.54
CA ARG A 145 -3.11 -14.61 26.88
C ARG A 145 -4.59 -14.18 26.73
N ASP A 146 -4.83 -13.12 25.95
CA ASP A 146 -6.19 -12.61 25.68
C ASP A 146 -7.14 -13.68 25.17
N ILE A 147 -6.68 -14.50 24.22
CA ILE A 147 -7.48 -15.56 23.62
C ILE A 147 -8.02 -16.55 24.67
N VAL A 148 -7.21 -16.86 25.68
CA VAL A 148 -7.59 -17.81 26.73
C VAL A 148 -8.00 -17.12 28.01
N ALA A 149 -8.51 -15.90 27.87
CA ALA A 149 -8.99 -15.15 29.03
C ALA A 149 -10.11 -16.02 29.61
N GLY A 150 -10.03 -16.34 30.89
CA GLY A 150 -11.06 -17.16 31.52
C GLY A 150 -10.64 -18.60 31.80
N SER A 151 -9.59 -19.06 31.12
CA SER A 151 -9.06 -20.41 31.29
C SER A 151 -8.38 -20.47 32.66
N ARG A 152 -7.84 -21.64 32.99
CA ARG A 152 -7.15 -21.81 34.26
C ARG A 152 -5.71 -21.30 34.19
N HIS A 153 -5.22 -20.96 33.00
CA HIS A 153 -3.82 -20.53 32.91
C HIS A 153 -3.50 -19.15 33.49
N ARG A 154 -2.32 -19.06 34.14
CA ARG A 154 -1.86 -17.81 34.75
C ARG A 154 -0.54 -17.34 34.13
N PHE A 155 -0.39 -16.02 33.99
CA PHE A 155 0.81 -15.44 33.37
C PHE A 155 1.44 -14.29 34.15
N ALA A 156 2.73 -14.05 33.91
CA ALA A 156 3.42 -12.94 34.52
C ALA A 156 3.76 -12.10 33.28
N GLU A 157 3.25 -10.89 33.22
CA GLU A 157 3.50 -10.06 32.05
C GLU A 157 4.76 -9.24 32.08
N ARG A 158 5.67 -9.53 31.16
CA ARG A 158 6.89 -8.75 31.06
C ARG A 158 6.52 -7.49 30.28
N GLY A 159 7.46 -6.55 30.18
CA GLY A 159 7.18 -5.30 29.49
C GLY A 159 6.95 -5.36 28.00
N GLU A 160 6.41 -4.27 27.47
CA GLU A 160 6.17 -4.17 26.04
C GLU A 160 7.49 -3.90 25.32
N GLN A 161 7.57 -4.38 24.10
CA GLN A 161 8.77 -4.21 23.30
C GLN A 161 8.46 -4.46 21.85
N GLU A 162 9.42 -4.16 20.99
CA GLU A 162 9.24 -4.38 19.57
C GLU A 162 10.11 -5.57 19.19
N LEU A 163 9.52 -6.48 18.43
CA LEU A 163 10.23 -7.64 17.93
C LEU A 163 10.75 -7.10 16.61
N LYS A 164 12.03 -6.74 16.57
CA LYS A 164 12.61 -6.17 15.36
C LYS A 164 12.38 -7.09 14.17
N GLY A 165 11.80 -6.50 13.12
CA GLY A 165 11.48 -7.22 11.91
C GLY A 165 9.98 -7.51 11.86
N VAL A 166 9.23 -6.83 12.73
CA VAL A 166 7.79 -7.02 12.84
C VAL A 166 7.04 -5.73 13.16
N PRO A 167 5.84 -5.54 12.58
CA PRO A 167 5.01 -4.34 12.80
C PRO A 167 4.42 -4.35 14.21
N GLY A 168 4.29 -3.18 14.82
CA GLY A 168 3.70 -3.11 16.13
C GLY A 168 4.61 -3.39 17.31
N ARG A 169 4.01 -3.27 18.51
CA ARG A 169 4.68 -3.47 19.79
C ARG A 169 4.03 -4.64 20.55
N TRP A 170 4.83 -5.56 21.07
CA TRP A 170 4.29 -6.74 21.76
C TRP A 170 4.63 -6.92 23.23
N ARG A 171 3.62 -7.31 23.98
CA ARG A 171 3.82 -7.56 25.40
C ARG A 171 3.91 -9.10 25.51
N LEU A 172 4.98 -9.62 26.14
CA LEU A 172 5.15 -11.07 26.27
C LEU A 172 4.87 -11.57 27.68
N CYS A 173 4.17 -12.69 27.77
CA CYS A 173 3.79 -13.25 29.07
C CYS A 173 4.33 -14.66 29.30
N VAL A 174 4.88 -14.85 30.49
CA VAL A 174 5.43 -16.13 30.91
C VAL A 174 4.34 -16.96 31.62
N LEU A 175 4.19 -18.21 31.22
CA LEU A 175 3.21 -19.11 31.84
C LEU A 175 3.65 -19.46 33.26
N ARG A 177 4.05 -21.89 35.71
CA ARG A 177 4.02 -23.36 35.72
C ARG A 177 3.96 -23.92 37.13
N ASP A 178 4.10 -25.22 37.30
CA ASP A 178 3.98 -25.79 38.64
C ASP A 178 5.25 -26.39 39.23
N ASP A 179 5.75 -27.45 38.63
CA ASP A 179 6.95 -28.13 39.11
C ASP A 179 6.74 -28.72 40.51
N ALA B 13 21.86 -38.42 6.39
CA ALA B 13 22.30 -37.20 7.13
C ALA B 13 23.83 -37.05 7.16
N GLU B 14 24.40 -36.55 6.06
CA GLU B 14 25.85 -36.34 5.91
C GLU B 14 26.32 -34.96 6.37
N ARG B 15 27.56 -34.88 6.83
CA ARG B 15 28.13 -33.62 7.29
C ARG B 15 29.02 -32.98 6.21
N LEU B 17 30.73 -29.25 4.07
CA LEU B 17 31.13 -27.87 4.00
C LEU B 17 30.32 -27.31 2.81
N ALA B 18 29.48 -26.31 3.05
CA ALA B 18 28.73 -25.75 1.90
C ALA B 18 28.66 -24.22 1.93
N THR B 19 28.38 -23.62 0.78
CA THR B 19 28.19 -22.16 0.73
C THR B 19 26.68 -21.99 0.63
N ILE B 20 26.09 -21.19 1.52
CA ILE B 20 24.65 -20.97 1.53
C ILE B 20 24.27 -19.54 1.26
N PHE B 22 21.14 -16.71 1.23
CA PHE B 22 19.81 -16.39 1.76
C PHE B 22 19.32 -15.09 1.10
N THR B 23 18.09 -15.10 0.61
CA THR B 23 17.54 -13.92 -0.05
C THR B 23 16.22 -13.60 0.62
N ASP B 24 15.83 -12.34 0.52
CA ASP B 24 14.58 -11.92 1.09
C ASP B 24 14.12 -10.63 0.47
N ILE B 25 12.81 -10.51 0.29
CA ILE B 25 12.24 -9.32 -0.31
C ILE B 25 12.11 -8.20 0.71
N VAL B 26 12.63 -7.03 0.32
CA VAL B 26 12.59 -5.85 1.17
C VAL B 26 11.19 -5.25 1.19
N GLY B 27 10.68 -5.01 2.39
CA GLY B 27 9.35 -4.43 2.56
C GLY B 27 8.21 -5.25 1.99
N SER B 28 8.36 -6.59 1.98
CA SER B 28 7.30 -7.46 1.44
C SER B 28 5.95 -7.13 2.07
N THR B 29 5.97 -6.95 3.39
CA THR B 29 4.77 -6.61 4.15
C THR B 29 4.04 -5.39 3.57
N GLN B 30 4.68 -4.23 3.55
CA GLN B 30 3.97 -3.07 2.99
C GLN B 30 3.66 -3.25 1.51
N HIS B 31 4.54 -3.90 0.78
CA HIS B 31 4.28 -4.10 -0.62
C HIS B 31 3.04 -5.01 -0.81
N ALA B 32 2.92 -6.07 -0.02
CA ALA B 32 1.75 -6.96 -0.16
C ALA B 32 0.45 -6.25 0.17
N ALA B 33 0.42 -5.58 1.31
CA ALA B 33 -0.79 -4.89 1.71
C ALA B 33 -1.16 -3.81 0.70
N ALA B 34 -0.16 -3.18 0.09
CA ALA B 34 -0.42 -2.13 -0.89
C ALA B 34 -1.02 -2.64 -2.21
N LEU B 35 -0.61 -3.83 -2.64
CA LEU B 35 -1.10 -4.40 -3.89
C LEU B 35 -2.35 -5.29 -3.77
N GLY B 36 -2.55 -5.90 -2.62
CA GLY B 36 -3.67 -6.79 -2.47
C GLY B 36 -3.14 -8.18 -2.77
N ASP B 37 -3.89 -9.22 -2.38
CA ASP B 37 -3.42 -10.58 -2.57
C ASP B 37 -3.24 -11.12 -3.98
N ASP B 38 -4.18 -10.87 -4.87
CA ASP B 38 -4.06 -11.37 -6.23
C ASP B 38 -2.80 -10.81 -6.87
N ARG B 39 -2.69 -9.50 -6.92
CA ARG B 39 -1.54 -8.83 -7.51
C ARG B 39 -0.22 -9.23 -6.83
N TRP B 40 -0.20 -9.25 -5.50
CA TRP B 40 1.00 -9.64 -4.76
C TRP B 40 1.43 -11.07 -5.12
N ARG B 41 0.48 -11.98 -5.13
CA ARG B 41 0.73 -13.39 -5.44
C ARG B 41 1.35 -13.49 -6.82
N ASP B 42 0.96 -12.58 -7.69
CA ASP B 42 1.47 -12.54 -9.04
C ASP B 42 2.92 -12.02 -9.08
N LEU B 43 3.18 -10.98 -8.30
CA LEU B 43 4.52 -10.41 -8.26
C LEU B 43 5.50 -11.46 -7.67
N LEU B 44 5.04 -12.17 -6.63
CA LEU B 44 5.86 -13.19 -5.98
C LEU B 44 6.18 -14.32 -6.96
N ASP B 45 5.22 -14.68 -7.80
CA ASP B 45 5.42 -15.72 -8.81
C ASP B 45 6.53 -15.27 -9.76
N ASN B 46 6.50 -14.02 -10.18
CA ASN B 46 7.54 -13.56 -11.08
C ASN B 46 8.87 -13.53 -10.38
N HIS B 47 8.88 -13.16 -9.09
CA HIS B 47 10.12 -13.11 -8.32
C HIS B 47 10.74 -14.50 -8.25
N ASP B 48 9.90 -15.47 -7.89
CA ASP B 48 10.31 -16.84 -7.74
C ASP B 48 10.90 -17.42 -9.01
N THR B 49 10.30 -17.07 -10.15
CA THR B 49 10.76 -17.56 -11.44
C THR B 49 12.13 -17.01 -11.74
N ILE B 50 12.29 -15.70 -11.57
CA ILE B 50 13.57 -15.07 -11.81
C ILE B 50 14.62 -15.61 -10.85
N VAL B 51 14.34 -15.60 -9.56
CA VAL B 51 15.30 -16.10 -8.60
C VAL B 51 15.68 -17.54 -8.96
N CYS B 52 14.68 -18.37 -9.23
CA CYS B 52 14.97 -19.75 -9.56
C CYS B 52 15.79 -19.93 -10.83
N HIS B 53 15.48 -19.19 -11.88
CA HIS B 53 16.27 -19.33 -13.10
C HIS B 53 17.71 -18.92 -12.84
N GLU B 54 17.90 -17.95 -11.95
CA GLU B 54 19.23 -17.46 -11.62
C GLU B 54 20.06 -18.53 -10.87
N ILE B 55 19.45 -19.15 -9.86
CA ILE B 55 20.08 -20.19 -9.06
C ILE B 55 20.49 -21.36 -9.95
N GLN B 56 19.65 -21.69 -10.93
CA GLN B 56 19.94 -22.78 -11.85
C GLN B 56 21.10 -22.43 -12.75
N ARG B 57 21.10 -21.22 -13.28
CA ARG B 57 22.17 -20.75 -14.16
C ARG B 57 23.53 -20.89 -13.53
N PHE B 58 23.61 -20.70 -12.21
CA PHE B 58 24.88 -20.72 -11.50
C PHE B 58 25.18 -21.98 -10.76
N GLY B 59 24.46 -23.04 -11.09
CA GLY B 59 24.68 -24.33 -10.46
C GLY B 59 24.26 -24.46 -9.01
N GLY B 60 23.30 -23.67 -8.56
CA GLY B 60 22.87 -23.79 -7.18
C GLY B 60 21.70 -24.76 -6.98
N ARG B 61 21.48 -25.13 -5.72
CA ARG B 61 20.42 -26.02 -5.36
C ARG B 61 19.56 -25.39 -4.27
N GLU B 62 18.28 -25.24 -4.54
CA GLU B 62 17.36 -24.69 -3.56
C GLU B 62 17.25 -25.70 -2.41
N VAL B 63 17.17 -25.19 -1.18
CA VAL B 63 17.07 -26.04 -0.02
C VAL B 63 16.10 -25.40 0.96
N ASN B 64 15.59 -26.20 1.91
CA ASN B 64 14.65 -25.75 2.97
C ASN B 64 13.46 -24.93 2.48
N THR B 65 12.68 -25.49 1.57
CA THR B 65 11.55 -24.77 1.00
C THR B 65 10.52 -24.07 1.93
N ALA B 66 10.59 -24.27 3.25
CA ALA B 66 9.64 -23.60 4.14
C ALA B 66 9.96 -22.10 4.14
N GLY B 67 8.94 -21.27 4.35
CA GLY B 67 9.18 -19.82 4.35
C GLY B 67 9.26 -19.33 2.91
N ASP B 68 8.82 -18.11 2.62
CA ASP B 68 8.86 -17.63 1.23
C ASP B 68 10.12 -16.87 0.77
N GLY B 69 11.20 -17.00 1.52
CA GLY B 69 12.43 -16.37 1.09
C GLY B 69 13.12 -17.47 0.27
N PHE B 70 14.37 -17.25 -0.12
CA PHE B 70 15.06 -18.26 -0.87
C PHE B 70 16.36 -18.66 -0.21
N VAL B 71 16.60 -19.97 -0.14
CA VAL B 71 17.84 -20.48 0.41
C VAL B 71 18.43 -21.46 -0.59
N ALA B 72 19.71 -21.30 -0.91
CA ALA B 72 20.35 -22.18 -1.87
C ALA B 72 21.81 -22.45 -1.54
N THR B 73 22.26 -23.66 -1.84
CA THR B 73 23.65 -24.06 -1.64
C THR B 73 24.34 -24.15 -3.02
N PHE B 74 25.63 -23.84 -3.02
CA PHE B 74 26.46 -23.87 -4.21
C PHE B 74 27.78 -24.55 -3.90
N THR B 75 28.18 -25.40 -4.82
CA THR B 75 29.44 -26.12 -4.72
C THR B 75 30.56 -25.08 -4.84
N SER B 76 30.32 -24.08 -5.70
CA SER B 76 31.29 -23.04 -5.93
C SER B 76 30.89 -21.74 -5.24
N PRO B 77 31.71 -21.24 -4.30
CA PRO B 77 31.42 -20.00 -3.57
C PRO B 77 31.39 -18.80 -4.53
N SER B 78 32.30 -18.76 -5.49
CA SER B 78 32.32 -17.66 -6.45
C SER B 78 31.01 -17.67 -7.22
N ALA B 79 30.55 -18.85 -7.60
CA ALA B 79 29.28 -18.88 -8.31
C ALA B 79 28.09 -18.38 -7.44
N ALA B 80 28.10 -18.65 -6.14
CA ALA B 80 27.01 -18.17 -5.28
C ALA B 80 27.04 -16.64 -5.24
N ILE B 81 28.24 -16.07 -5.21
CA ILE B 81 28.38 -14.63 -5.17
C ILE B 81 27.90 -13.99 -6.50
N ALA B 82 28.31 -14.58 -7.62
CA ALA B 82 27.94 -14.08 -8.93
C ALA B 82 26.45 -14.16 -9.09
N CYS B 83 25.86 -15.24 -8.57
CA CYS B 83 24.42 -15.44 -8.65
C CYS B 83 23.68 -14.33 -7.84
N ALA B 84 24.08 -14.12 -6.59
CA ALA B 84 23.48 -13.06 -5.76
C ALA B 84 23.58 -11.71 -6.49
N ASP B 85 24.76 -11.45 -7.03
CA ASP B 85 25.03 -10.23 -7.75
C ASP B 85 24.02 -10.04 -8.88
N ASP B 86 23.74 -11.12 -9.61
CA ASP B 86 22.78 -11.09 -10.72
C ASP B 86 21.31 -11.02 -10.31
N ILE B 87 20.97 -11.70 -9.22
CA ILE B 87 19.61 -11.71 -8.71
C ILE B 87 19.23 -10.28 -8.27
N VAL B 88 20.18 -9.54 -7.69
CA VAL B 88 19.88 -8.19 -7.22
C VAL B 88 19.42 -7.31 -8.38
N ASP B 89 20.14 -7.40 -9.49
CA ASP B 89 19.77 -6.62 -10.65
C ASP B 89 18.50 -7.13 -11.30
N ALA B 90 18.41 -8.44 -11.52
CA ALA B 90 17.24 -9.03 -12.19
C ALA B 90 15.93 -8.76 -11.46
N VAL B 91 15.96 -8.69 -10.14
CA VAL B 91 14.73 -8.46 -9.42
C VAL B 91 14.26 -7.02 -9.53
N ALA B 92 15.21 -6.11 -9.59
CA ALA B 92 14.92 -4.68 -9.70
C ALA B 92 13.96 -4.43 -10.83
N ALA B 93 14.05 -5.24 -11.88
CA ALA B 93 13.16 -5.08 -13.02
C ALA B 93 11.70 -5.36 -12.69
N LEU B 94 11.39 -5.58 -11.42
CA LEU B 94 10.01 -5.85 -11.01
C LEU B 94 9.52 -4.80 -10.02
N GLY B 95 10.36 -3.80 -9.74
CA GLY B 95 9.96 -2.80 -8.78
C GLY B 95 10.19 -3.17 -7.31
N ILE B 96 10.88 -4.26 -7.06
CA ILE B 96 11.17 -4.66 -5.69
C ILE B 96 12.66 -4.85 -5.50
N GLU B 97 13.10 -4.90 -4.27
CA GLU B 97 14.51 -5.09 -3.99
C GLU B 97 14.65 -6.25 -3.05
N VAL B 98 15.83 -6.86 -3.04
CA VAL B 98 16.08 -7.97 -2.15
C VAL B 98 17.35 -7.69 -1.41
N ARG B 99 17.52 -8.37 -0.29
CA ARG B 99 18.71 -8.24 0.50
C ARG B 99 19.20 -9.68 0.48
N ILE B 100 20.52 -9.87 0.37
CA ILE B 100 21.06 -11.22 0.32
C ILE B 100 22.22 -11.39 1.26
N GLY B 101 22.24 -12.53 1.95
CA GLY B 101 23.34 -12.86 2.85
C GLY B 101 24.00 -14.14 2.36
N ILE B 102 25.29 -14.24 2.56
CA ILE B 102 26.01 -15.42 2.12
C ILE B 102 26.99 -15.85 3.18
N HIS B 103 27.01 -17.14 3.48
CA HIS B 103 27.95 -17.66 4.45
C HIS B 103 28.35 -19.05 4.02
N ALA B 104 29.46 -19.55 4.55
CA ALA B 104 29.91 -20.91 4.25
C ALA B 104 30.31 -21.58 5.57
N GLY B 105 29.88 -22.82 5.74
CA GLY B 105 30.19 -23.52 6.96
C GLY B 105 29.83 -24.98 6.83
N GLU B 106 30.11 -25.73 7.88
CA GLU B 106 29.82 -27.16 7.89
C GLU B 106 28.35 -27.30 8.35
N VAL B 107 27.58 -28.06 7.58
CA VAL B 107 26.18 -28.24 7.88
C VAL B 107 25.81 -29.71 7.74
N GLU B 108 24.62 -30.04 8.23
CA GLU B 108 24.07 -31.39 8.15
C GLU B 108 23.09 -31.35 7.00
N VAL B 109 23.38 -32.14 5.99
CA VAL B 109 22.59 -32.23 4.78
C VAL B 109 21.82 -33.54 4.78
N ARG B 110 20.49 -33.47 4.68
CA ARG B 110 19.64 -34.66 4.65
C ARG B 110 18.82 -34.69 3.36
N ASP B 111 19.08 -35.68 2.52
CA ASP B 111 18.41 -35.84 1.23
C ASP B 111 17.18 -36.74 1.21
N ALA B 112 16.01 -36.13 1.05
CA ALA B 112 14.75 -36.84 0.94
C ALA B 112 14.35 -36.55 -0.51
N SER B 113 13.37 -37.27 -1.05
CA SER B 113 12.98 -37.01 -2.44
C SER B 113 11.91 -35.92 -2.56
N HIS B 114 11.63 -35.24 -1.44
CA HIS B 114 10.64 -34.14 -1.40
C HIS B 114 11.39 -32.81 -1.29
N GLY B 115 12.71 -32.88 -1.42
CA GLY B 115 13.54 -31.71 -1.31
C GLY B 115 14.68 -31.94 -0.36
N THR B 116 15.72 -31.11 -0.46
CA THR B 116 16.89 -31.23 0.40
C THR B 116 16.90 -30.20 1.52
N ASP B 117 17.16 -30.66 2.74
CA ASP B 117 17.22 -29.73 3.87
C ASP B 117 18.62 -29.64 4.46
N VAL B 118 18.94 -28.47 4.96
CA VAL B 118 20.23 -28.21 5.56
C VAL B 118 20.03 -27.71 6.98
N ALA B 119 20.95 -28.03 7.88
CA ALA B 119 20.84 -27.60 9.26
C ALA B 119 22.20 -27.41 9.87
N GLY B 120 22.27 -26.57 10.92
CA GLY B 120 23.54 -26.32 11.57
C GLY B 120 23.72 -24.86 11.92
N VAL B 121 24.75 -24.57 12.71
CA VAL B 121 25.07 -23.21 13.11
C VAL B 121 25.25 -22.35 11.83
N ALA B 122 25.99 -22.90 10.88
CA ALA B 122 26.23 -22.20 9.62
C ALA B 122 24.93 -21.63 9.03
N VAL B 123 23.87 -22.43 9.06
CA VAL B 123 22.58 -22.00 8.53
C VAL B 123 22.01 -20.80 9.28
N HIS B 124 22.18 -20.79 10.60
CA HIS B 124 21.71 -19.67 11.40
C HIS B 124 22.51 -18.42 11.07
N ILE B 125 23.82 -18.59 10.92
CA ILE B 125 24.71 -17.49 10.57
C ILE B 125 24.24 -16.84 9.27
N GLY B 126 24.03 -17.67 8.27
CA GLY B 126 23.60 -17.15 6.98
C GLY B 126 22.30 -16.39 7.04
N ALA B 127 21.33 -16.92 7.77
CA ALA B 127 20.04 -16.26 7.87
C ALA B 127 20.26 -14.90 8.53
N ARG B 128 21.16 -14.86 9.51
CA ARG B 128 21.45 -13.61 10.21
C ARG B 128 22.18 -12.60 9.32
N VAL B 129 23.12 -13.07 8.51
CA VAL B 129 23.84 -12.18 7.61
C VAL B 129 22.82 -11.51 6.68
N CYS B 130 21.88 -12.29 6.16
CA CYS B 130 20.87 -11.76 5.28
C CYS B 130 20.05 -10.66 5.97
N ALA B 131 19.48 -10.95 7.15
CA ALA B 131 18.69 -9.95 7.90
C ALA B 131 19.39 -8.58 8.08
N LEU B 132 20.71 -8.60 8.22
CA LEU B 132 21.53 -7.41 8.37
C LEU B 132 21.85 -6.66 7.06
N ALA B 133 21.65 -7.30 5.91
CA ALA B 133 21.97 -6.69 4.63
C ALA B 133 20.93 -5.63 4.29
N GLY B 134 21.33 -4.57 3.58
CA GLY B 134 20.39 -3.53 3.20
C GLY B 134 19.74 -3.86 1.87
N PRO B 135 18.82 -3.03 1.38
CA PRO B 135 18.15 -3.28 0.08
C PRO B 135 19.16 -3.34 -1.07
N SER B 136 19.06 -4.35 -1.92
CA SER B 136 19.97 -4.51 -3.06
C SER B 136 21.43 -4.69 -2.67
N GLU B 137 21.63 -5.14 -1.46
CA GLU B 137 22.97 -5.36 -0.95
C GLU B 137 23.23 -6.86 -0.76
N VAL B 138 24.46 -7.27 -1.07
CA VAL B 138 24.89 -8.63 -0.89
C VAL B 138 25.91 -8.60 0.25
N LEU B 139 25.56 -9.23 1.35
CA LEU B 139 26.43 -9.23 2.51
C LEU B 139 26.97 -10.61 2.72
N VAL B 140 28.24 -10.68 3.04
CA VAL B 140 28.81 -11.99 3.27
C VAL B 140 29.61 -11.98 4.56
N SER B 141 30.00 -13.16 5.01
CA SER B 141 30.83 -13.24 6.19
C SER B 141 32.28 -13.35 5.77
N SER B 142 33.17 -12.97 6.68
CA SER B 142 34.61 -13.05 6.45
C SER B 142 34.95 -14.43 5.88
N THR B 143 34.29 -15.47 6.36
CA THR B 143 34.62 -16.80 5.86
C THR B 143 34.48 -16.86 4.33
N VAL B 144 33.40 -16.29 3.81
CA VAL B 144 33.15 -16.28 2.38
C VAL B 144 34.21 -15.45 1.68
N ARG B 145 34.58 -14.31 2.27
CA ARG B 145 35.60 -13.53 1.63
C ARG B 145 36.92 -14.32 1.51
N ASP B 146 37.34 -15.00 2.58
CA ASP B 146 38.60 -15.78 2.60
C ASP B 146 38.60 -16.95 1.64
N ILE B 147 37.44 -17.56 1.50
CA ILE B 147 37.30 -18.72 0.65
C ILE B 147 37.51 -18.40 -0.83
N VAL B 148 37.18 -17.17 -1.25
CA VAL B 148 37.34 -16.78 -2.64
C VAL B 148 38.54 -15.89 -2.85
N ALA B 149 39.46 -15.92 -1.89
CA ALA B 149 40.71 -15.14 -1.92
C ALA B 149 41.34 -15.24 -3.30
N GLY B 150 41.60 -14.10 -3.92
CA GLY B 150 42.20 -14.11 -5.24
C GLY B 150 41.25 -14.15 -6.44
N SER B 151 39.94 -14.10 -6.17
CA SER B 151 38.97 -14.09 -7.25
C SER B 151 38.73 -12.64 -7.66
N ARG B 152 37.93 -12.45 -8.68
CA ARG B 152 37.60 -11.12 -9.17
C ARG B 152 36.70 -10.35 -8.20
N HIS B 153 36.04 -11.06 -7.28
CA HIS B 153 35.14 -10.40 -6.33
C HIS B 153 35.87 -9.61 -5.25
N ARG B 154 35.39 -8.39 -5.01
CA ARG B 154 35.99 -7.53 -4.00
C ARG B 154 34.99 -7.20 -2.91
N PHE B 155 35.48 -7.09 -1.68
CA PHE B 155 34.63 -6.80 -0.53
C PHE B 155 35.16 -5.66 0.33
N ALA B 156 34.22 -4.97 0.97
CA ALA B 156 34.54 -3.88 1.89
C ALA B 156 34.15 -4.37 3.29
N GLU B 157 35.04 -4.15 4.26
CA GLU B 157 34.81 -4.55 5.65
C GLU B 157 33.65 -3.73 6.16
N ARG B 158 32.63 -4.40 6.70
CA ARG B 158 31.42 -3.75 7.17
C ARG B 158 31.36 -3.76 8.68
N GLY B 159 32.47 -4.13 9.31
CA GLY B 159 32.49 -4.15 10.76
C GLY B 159 32.36 -5.54 11.33
N GLU B 160 32.25 -5.60 12.66
CA GLU B 160 32.15 -6.88 13.34
C GLU B 160 30.97 -7.01 14.29
N GLN B 161 29.88 -7.60 13.79
CA GLN B 161 28.68 -7.83 14.58
C GLN B 161 28.97 -8.97 15.53
N GLU B 162 28.02 -9.32 16.39
CA GLU B 162 28.24 -10.43 17.32
C GLU B 162 27.39 -11.65 17.01
N LEU B 163 26.32 -11.45 16.23
CA LEU B 163 25.43 -12.56 15.88
C LEU B 163 25.13 -13.35 17.15
N LYS B 164 24.25 -12.80 18.00
CA LYS B 164 23.90 -13.42 19.29
C LYS B 164 23.05 -14.69 19.20
N GLY B 165 23.04 -15.44 20.30
CA GLY B 165 22.29 -16.68 20.36
C GLY B 165 23.10 -17.80 19.73
N VAL B 166 24.29 -17.45 19.26
CA VAL B 166 25.20 -18.39 18.62
C VAL B 166 26.65 -17.95 18.84
N PRO B 167 27.49 -18.92 19.04
CA PRO B 167 28.90 -18.69 19.33
C PRO B 167 29.61 -17.74 18.34
N GLY B 168 30.73 -17.20 18.80
CA GLY B 168 31.56 -16.44 17.88
C GLY B 168 31.56 -14.93 17.91
N ARG B 169 32.69 -14.52 17.33
CA ARG B 169 33.06 -13.16 17.11
C ARG B 169 32.33 -12.68 15.80
N TRP B 170 32.74 -13.02 14.53
CA TRP B 170 32.06 -12.70 13.20
C TRP B 170 32.21 -11.30 12.63
N ARG B 171 32.93 -11.27 11.50
CA ARG B 171 33.21 -10.07 10.73
C ARG B 171 32.39 -10.12 9.43
N LEU B 172 31.68 -9.04 9.13
CA LEU B 172 30.89 -8.97 7.91
C LEU B 172 31.59 -8.16 6.83
N CYS B 173 31.32 -8.51 5.57
CA CYS B 173 31.87 -7.80 4.42
C CYS B 173 30.76 -7.59 3.37
N VAL B 174 30.76 -6.43 2.72
CA VAL B 174 29.77 -6.14 1.68
C VAL B 174 30.42 -6.43 0.34
N LEU B 175 29.65 -6.90 -0.62
CA LEU B 175 30.23 -7.20 -1.92
C LEU B 175 30.25 -5.89 -2.71
N ARG B 177 29.75 -4.07 -5.75
CA ARG B 177 29.03 -4.30 -7.01
C ARG B 177 29.20 -3.14 -7.97
N ASP B 178 28.69 -3.31 -9.20
CA ASP B 178 28.73 -2.27 -10.20
C ASP B 178 27.50 -1.44 -9.91
N ASP B 179 27.59 -0.75 -8.77
CA ASP B 179 26.54 0.08 -8.18
C ASP B 179 27.11 0.65 -6.87
N ALA B 180 26.44 1.65 -6.31
CA ALA B 180 26.87 2.27 -5.06
C ALA B 180 26.88 1.21 -3.97
N THR B 181 27.98 1.11 -3.24
CA THR B 181 28.08 0.12 -2.19
C THR B 181 28.35 0.80 -0.84
N ARG B 182 27.63 0.38 0.20
CA ARG B 182 27.75 0.96 1.54
C ARG B 182 29.15 0.69 2.12
N THR B 183 29.32 1.00 3.41
CA THR B 183 30.63 0.87 4.07
C THR B 183 31.51 1.83 3.28
N ARG B 184 31.16 3.11 3.41
CA ARG B 184 31.82 4.25 2.75
C ARG B 184 31.02 4.68 1.49
N ALA C 13 -18.98 33.12 4.89
CA ALA C 13 -19.31 31.70 4.59
C ALA C 13 -20.71 31.28 5.10
N GLU C 14 -21.74 31.65 4.35
CA GLU C 14 -23.15 31.35 4.69
C GLU C 14 -23.63 30.03 4.12
N ARG C 15 -24.59 29.41 4.80
CA ARG C 15 -25.14 28.13 4.36
C ARG C 15 -26.50 28.35 3.67
N LEU C 17 -29.57 27.14 0.40
CA LEU C 17 -30.23 26.20 -0.49
C LEU C 17 -30.09 26.84 -1.87
N ALA C 18 -29.44 26.17 -2.80
CA ALA C 18 -29.31 26.78 -4.14
C ALA C 18 -29.52 25.79 -5.26
N THR C 19 -29.81 26.29 -6.45
CA THR C 19 -29.95 25.42 -7.61
C THR C 19 -28.67 25.65 -8.39
N ILE C 20 -27.96 24.58 -8.74
CA ILE C 20 -26.69 24.69 -9.46
C ILE C 20 -26.71 24.03 -10.81
N PHE C 22 -24.44 22.79 -14.13
CA PHE C 22 -23.08 22.46 -14.61
C PHE C 22 -23.16 22.18 -16.12
N THR C 23 -22.25 22.77 -16.88
CA THR C 23 -22.22 22.58 -18.33
C THR C 23 -20.84 22.11 -18.71
N ASP C 24 -20.76 21.44 -19.85
CA ASP C 24 -19.49 20.95 -20.31
C ASP C 24 -19.56 20.67 -21.79
N ILE C 25 -18.47 20.96 -22.49
CA ILE C 25 -18.43 20.72 -23.92
C ILE C 25 -18.13 19.26 -24.24
N VAL C 26 -18.95 18.70 -25.11
CA VAL C 26 -18.80 17.31 -25.51
C VAL C 26 -17.65 17.15 -26.50
N GLY C 27 -16.76 16.22 -26.20
CA GLY C 27 -15.61 15.97 -27.05
C GLY C 27 -14.65 17.13 -27.23
N SER C 28 -14.55 17.99 -26.22
CA SER C 28 -13.65 19.15 -26.30
C SER C 28 -12.23 18.73 -26.72
N THR C 29 -11.75 17.64 -26.11
CA THR C 29 -10.43 17.11 -26.41
C THR C 29 -10.24 16.86 -27.91
N GLN C 30 -11.06 16.01 -28.51
CA GLN C 30 -10.87 15.77 -29.94
C GLN C 30 -11.13 17.02 -30.76
N HIS C 31 -12.10 17.82 -30.35
CA HIS C 31 -12.38 19.02 -31.09
C HIS C 31 -11.16 20.01 -31.01
N ALA C 32 -10.54 20.13 -29.85
CA ALA C 32 -9.41 21.04 -29.74
C ALA C 32 -8.24 20.57 -30.59
N ALA C 33 -7.89 19.31 -30.46
CA ALA C 33 -6.77 18.77 -31.22
C ALA C 33 -7.01 18.87 -32.71
N ALA C 34 -8.27 18.74 -33.12
CA ALA C 34 -8.62 18.80 -34.53
C ALA C 34 -8.51 20.21 -35.13
N LEU C 35 -8.82 21.23 -34.33
CA LEU C 35 -8.78 22.61 -34.81
C LEU C 35 -7.46 23.34 -34.59
N GLY C 36 -6.71 22.93 -33.58
CA GLY C 36 -5.48 23.64 -33.31
C GLY C 36 -5.81 24.67 -32.23
N ASP C 37 -4.80 25.18 -31.56
CA ASP C 37 -5.03 26.13 -30.48
C ASP C 37 -5.65 27.49 -30.80
N ASP C 38 -5.20 28.15 -31.86
CA ASP C 38 -5.77 29.46 -32.20
C ASP C 38 -7.26 29.33 -32.45
N ARG C 39 -7.62 28.48 -33.40
CA ARG C 39 -9.02 28.26 -33.75
C ARG C 39 -9.86 27.77 -32.56
N TRP C 40 -9.35 26.83 -31.78
CA TRP C 40 -10.06 26.30 -30.62
C TRP C 40 -10.33 27.42 -29.62
N ARG C 41 -9.30 28.20 -29.32
CA ARG C 41 -9.38 29.30 -28.36
C ARG C 41 -10.47 30.26 -28.82
N ASP C 42 -10.61 30.38 -30.12
CA ASP C 42 -11.62 31.27 -30.68
C ASP C 42 -13.03 30.68 -30.51
N LEU C 43 -13.16 29.37 -30.76
CA LEU C 43 -14.46 28.71 -30.62
C LEU C 43 -14.91 28.79 -29.14
N LEU C 44 -13.96 28.60 -28.23
CA LEU C 44 -14.25 28.64 -26.80
C LEU C 44 -14.71 30.01 -26.38
N ASP C 45 -14.12 31.04 -26.98
CA ASP C 45 -14.50 32.42 -26.68
C ASP C 45 -15.95 32.62 -27.10
N ASN C 46 -16.32 32.10 -28.25
CA ASN C 46 -17.69 32.27 -28.68
C ASN C 46 -18.62 31.49 -27.76
N HIS C 47 -18.21 30.30 -27.32
CA HIS C 47 -19.02 29.48 -26.43
C HIS C 47 -19.29 30.22 -25.13
N ASP C 48 -18.21 30.73 -24.55
CA ASP C 48 -18.25 31.46 -23.30
C ASP C 48 -19.17 32.66 -23.37
N THR C 49 -19.13 33.38 -24.48
CA THR C 49 -19.98 34.55 -24.66
C THR C 49 -21.44 34.15 -24.70
N ILE C 50 -21.75 33.13 -25.49
CA ILE C 50 -23.12 32.66 -25.57
C ILE C 50 -23.58 32.13 -24.22
N VAL C 51 -22.82 31.21 -23.63
CA VAL C 51 -23.23 30.67 -22.34
C VAL C 51 -23.46 31.80 -21.33
N CYS C 52 -22.53 32.76 -21.26
CA CYS C 52 -22.67 33.85 -20.30
C CYS C 52 -23.92 34.71 -20.56
N HIS C 53 -24.15 35.11 -21.81
CA HIS C 53 -25.31 35.93 -22.08
C HIS C 53 -26.58 35.19 -21.66
N GLU C 54 -26.57 33.87 -21.82
CA GLU C 54 -27.71 33.04 -21.45
C GLU C 54 -27.94 33.03 -19.94
N ILE C 55 -26.87 32.80 -19.17
CA ILE C 55 -26.91 32.79 -17.71
C ILE C 55 -27.42 34.13 -17.19
N GLN C 56 -27.00 35.22 -17.82
CA GLN C 56 -27.42 36.56 -17.41
C GLN C 56 -28.89 36.78 -17.71
N ARG C 57 -29.32 36.35 -18.89
CA ARG C 57 -30.72 36.49 -19.30
C ARG C 57 -31.66 35.87 -18.29
N PHE C 58 -31.23 34.75 -17.70
CA PHE C 58 -32.09 34.02 -16.78
C PHE C 58 -31.83 34.25 -15.33
N GLY C 59 -31.11 35.33 -15.03
CA GLY C 59 -30.83 35.67 -13.65
C GLY C 59 -29.86 34.78 -12.91
N GLY C 60 -28.94 34.14 -13.63
CA GLY C 60 -28.00 33.27 -12.95
C GLY C 60 -26.70 33.98 -12.58
N ARG C 61 -25.94 33.32 -11.72
CA ARG C 61 -24.69 33.83 -11.22
C ARG C 61 -23.59 32.80 -11.45
N GLU C 62 -22.58 33.15 -12.23
CA GLU C 62 -21.47 32.25 -12.46
C GLU C 62 -20.72 32.08 -11.13
N VAL C 63 -20.27 30.85 -10.85
CA VAL C 63 -19.54 30.58 -9.61
C VAL C 63 -18.39 29.63 -9.93
N ASN C 64 -17.41 29.55 -9.02
CA ASN C 64 -16.22 28.66 -9.13
C ASN C 64 -15.50 28.69 -10.48
N THR C 65 -15.06 29.88 -10.90
CA THR C 65 -14.41 30.04 -12.18
C THR C 65 -13.25 29.10 -12.60
N ALA C 66 -12.75 28.26 -11.69
CA ALA C 66 -11.66 27.33 -12.06
C ALA C 66 -12.22 26.28 -13.03
N GLY C 67 -11.39 25.78 -13.92
CA GLY C 67 -11.86 24.78 -14.89
C GLY C 67 -12.60 25.49 -16.00
N ASP C 68 -12.56 25.00 -17.24
CA ASP C 68 -13.24 25.69 -18.34
C ASP C 68 -14.68 25.30 -18.66
N GLY C 69 -15.34 24.63 -17.72
CA GLY C 69 -16.74 24.31 -17.92
C GLY C 69 -17.48 25.49 -17.30
N PHE C 70 -18.78 25.40 -17.19
CA PHE C 70 -19.54 26.47 -16.57
C PHE C 70 -20.38 26.02 -15.40
N VAL C 71 -20.31 26.78 -14.31
CA VAL C 71 -21.10 26.50 -13.13
C VAL C 71 -21.85 27.77 -12.74
N ALA C 72 -23.15 27.65 -12.54
CA ALA C 72 -23.93 28.81 -12.18
C ALA C 72 -25.07 28.46 -11.22
N THR C 73 -25.35 29.38 -10.31
CA THR C 73 -26.46 29.24 -9.35
C THR C 73 -27.60 30.16 -9.79
N PHE C 74 -28.82 29.74 -9.51
CA PHE C 74 -30.04 30.47 -9.82
C PHE C 74 -30.96 30.44 -8.62
N THR C 75 -31.55 31.59 -8.34
CA THR C 75 -32.50 31.75 -7.28
C THR C 75 -33.75 30.96 -7.65
N SER C 76 -34.07 30.97 -8.94
CA SER C 76 -35.24 30.27 -9.44
C SER C 76 -34.83 28.99 -10.17
N PRO C 77 -35.28 27.83 -9.68
CA PRO C 77 -34.95 26.55 -10.31
C PRO C 77 -35.54 26.47 -11.74
N SER C 78 -36.76 26.96 -11.90
CA SER C 78 -37.38 26.93 -13.22
C SER C 78 -36.53 27.74 -14.18
N ALA C 79 -35.99 28.86 -13.72
CA ALA C 79 -35.14 29.66 -14.60
C ALA C 79 -33.83 28.93 -14.98
N ALA C 80 -33.26 28.14 -14.06
CA ALA C 80 -32.02 27.41 -14.33
C ALA C 80 -32.31 26.37 -15.41
N ILE C 81 -33.49 25.77 -15.34
CA ILE C 81 -33.89 24.78 -16.33
C ILE C 81 -34.11 25.40 -17.74
N ALA C 82 -34.80 26.54 -17.77
CA ALA C 82 -35.08 27.23 -19.03
C ALA C 82 -33.77 27.68 -19.62
N CYS C 83 -32.85 28.12 -18.77
CA CYS C 83 -31.54 28.55 -19.23
C CYS C 83 -30.77 27.36 -19.89
N ALA C 84 -30.66 26.24 -19.19
CA ALA C 84 -29.98 25.07 -19.74
C ALA C 84 -30.63 24.70 -21.08
N ASP C 85 -31.95 24.71 -21.11
CA ASP C 85 -32.71 24.39 -22.32
C ASP C 85 -32.28 25.29 -23.48
N ASP C 86 -32.13 26.58 -23.20
CA ASP C 86 -31.72 27.53 -24.23
C ASP C 86 -30.24 27.44 -24.64
N ILE C 87 -29.38 27.16 -23.67
CA ILE C 87 -27.96 27.03 -23.92
C ILE C 87 -27.71 25.88 -24.87
N VAL C 88 -28.45 24.79 -24.70
CA VAL C 88 -28.25 23.61 -25.55
C VAL C 88 -28.46 23.97 -27.01
N ASP C 89 -29.54 24.70 -27.29
CA ASP C 89 -29.82 25.10 -28.65
C ASP C 89 -28.83 26.16 -29.15
N ALA C 90 -28.60 27.20 -28.36
CA ALA C 90 -27.70 28.29 -28.78
C ALA C 90 -26.29 27.83 -29.08
N VAL C 91 -25.81 26.83 -28.36
CA VAL C 91 -24.46 26.38 -28.62
C VAL C 91 -24.35 25.59 -29.92
N ALA C 92 -25.41 24.86 -30.24
CA ALA C 92 -25.46 24.06 -31.45
C ALA C 92 -25.07 24.90 -32.66
N ALA C 93 -25.42 26.18 -32.59
CA ALA C 93 -25.09 27.09 -33.69
C ALA C 93 -23.61 27.29 -33.89
N LEU C 94 -22.78 26.57 -33.14
CA LEU C 94 -21.32 26.70 -33.27
C LEU C 94 -20.69 25.37 -33.69
N GLY C 95 -21.52 24.36 -33.93
CA GLY C 95 -20.97 23.06 -34.30
C GLY C 95 -20.53 22.19 -33.14
N ILE C 96 -20.83 22.61 -31.91
CA ILE C 96 -20.47 21.80 -30.75
C ILE C 96 -21.72 21.53 -29.92
N GLU C 97 -21.62 20.57 -29.01
CA GLU C 97 -22.73 20.23 -28.17
C GLU C 97 -22.26 20.28 -26.73
N VAL C 98 -23.21 20.43 -25.81
CA VAL C 98 -22.87 20.46 -24.41
C VAL C 98 -23.78 19.50 -23.70
N ARG C 99 -23.35 19.10 -22.52
CA ARG C 99 -24.13 18.22 -21.69
C ARG C 99 -24.31 19.09 -20.47
N ILE C 100 -25.49 19.03 -19.86
CA ILE C 100 -25.75 19.85 -18.70
C ILE C 100 -26.39 19.09 -17.59
N GLY C 101 -25.90 19.33 -16.37
CA GLY C 101 -26.48 18.69 -15.20
C GLY C 101 -27.03 19.76 -14.27
N ILE C 102 -28.10 19.44 -13.56
CA ILE C 102 -28.69 20.37 -12.64
C ILE C 102 -29.08 19.69 -11.35
N HIS C 103 -28.75 20.33 -10.23
CA HIS C 103 -29.09 19.78 -8.95
C HIS C 103 -29.36 20.95 -8.01
N ALA C 104 -30.05 20.68 -6.91
CA ALA C 104 -30.34 21.69 -5.92
C ALA C 104 -30.04 21.10 -4.53
N GLY C 105 -29.35 21.87 -3.71
CA GLY C 105 -29.00 21.40 -2.39
C GLY C 105 -28.47 22.52 -1.53
N GLU C 106 -28.17 22.17 -0.30
CA GLU C 106 -27.63 23.14 0.65
C GLU C 106 -26.10 23.18 0.43
N VAL C 107 -25.58 24.38 0.25
CA VAL C 107 -24.16 24.55 -0.01
C VAL C 107 -23.62 25.69 0.82
N GLU C 108 -22.29 25.77 0.86
CA GLU C 108 -21.57 26.80 1.59
C GLU C 108 -21.17 27.80 0.54
N VAL C 109 -21.69 29.01 0.67
CA VAL C 109 -21.43 30.10 -0.24
C VAL C 109 -20.51 31.12 0.40
N ARG C 110 -19.37 31.40 -0.24
CA ARG C 110 -18.45 32.41 0.30
C ARG C 110 -18.17 33.45 -0.78
N ASP C 111 -18.59 34.69 -0.57
CA ASP C 111 -18.33 35.69 -1.60
C ASP C 111 -17.14 36.63 -1.36
N ALA C 112 -16.15 36.51 -2.23
CA ALA C 112 -14.96 37.34 -2.23
C ALA C 112 -15.11 38.21 -3.48
N SER C 113 -14.44 39.36 -3.53
CA SER C 113 -14.56 40.23 -4.69
C SER C 113 -13.93 39.66 -5.97
N HIS C 114 -13.29 38.50 -5.85
CA HIS C 114 -12.65 37.84 -6.99
C HIS C 114 -13.61 36.80 -7.58
N GLY C 115 -14.86 36.86 -7.15
CA GLY C 115 -15.86 35.92 -7.62
C GLY C 115 -16.44 35.14 -6.45
N THR C 116 -17.57 34.48 -6.69
CA THR C 116 -18.25 33.71 -5.66
C THR C 116 -18.01 32.22 -5.79
N ASP C 117 -17.65 31.57 -4.68
CA ASP C 117 -17.41 30.14 -4.68
C ASP C 117 -18.46 29.38 -3.87
N VAL C 118 -18.77 28.17 -4.33
CA VAL C 118 -19.75 27.34 -3.67
C VAL C 118 -19.10 26.01 -3.36
N ALA C 119 -19.51 25.40 -2.26
CA ALA C 119 -18.93 24.12 -1.86
C ALA C 119 -19.96 23.28 -1.09
N GLY C 120 -19.78 21.97 -1.11
CA GLY C 120 -20.71 21.09 -0.43
C GLY C 120 -21.01 19.84 -1.23
N VAL C 121 -21.67 18.88 -0.58
CA VAL C 121 -22.05 17.63 -1.23
C VAL C 121 -22.87 17.97 -2.51
N ALA C 122 -23.80 18.90 -2.34
CA ALA C 122 -24.66 19.30 -3.46
C ALA C 122 -23.83 19.60 -4.71
N VAL C 123 -22.70 20.30 -4.53
CA VAL C 123 -21.86 20.65 -5.65
C VAL C 123 -21.27 19.40 -6.33
N HIS C 124 -20.91 18.40 -5.53
CA HIS C 124 -20.36 17.17 -6.11
C HIS C 124 -21.44 16.45 -6.89
N ILE C 125 -22.65 16.46 -6.34
CA ILE C 125 -23.79 15.81 -6.98
C ILE C 125 -24.00 16.42 -8.36
N GLY C 126 -24.07 17.74 -8.39
CA GLY C 126 -24.29 18.42 -9.65
C GLY C 126 -23.24 18.10 -10.69
N ALA C 127 -21.98 18.12 -10.28
CA ALA C 127 -20.90 17.84 -11.20
C ALA C 127 -21.08 16.42 -11.75
N ARG C 128 -21.51 15.51 -10.89
CA ARG C 128 -21.72 14.13 -11.29
C ARG C 128 -22.92 13.98 -12.25
N VAL C 129 -24.02 14.70 -11.98
CA VAL C 129 -25.20 14.64 -12.84
C VAL C 129 -24.77 15.09 -14.25
N CYS C 130 -23.97 16.14 -14.32
CA CYS C 130 -23.51 16.63 -15.60
C CYS C 130 -22.71 15.58 -16.36
N ALA C 131 -21.70 14.98 -15.72
CA ALA C 131 -20.85 13.94 -16.37
C ALA C 131 -21.66 12.79 -16.98
N LEU C 132 -22.78 12.45 -16.35
CA LEU C 132 -23.69 11.41 -16.81
C LEU C 132 -24.65 11.81 -17.96
N ALA C 133 -24.81 13.11 -18.21
CA ALA C 133 -25.71 13.58 -19.25
C ALA C 133 -25.12 13.33 -20.64
N GLY C 134 -25.97 13.09 -21.63
CA GLY C 134 -25.44 12.85 -22.97
C GLY C 134 -25.35 14.16 -23.73
N PRO C 135 -24.85 14.14 -24.97
CA PRO C 135 -24.73 15.37 -25.79
C PRO C 135 -26.09 16.06 -25.97
N SER C 136 -26.14 17.37 -25.74
CA SER C 136 -27.38 18.13 -25.91
C SER C 136 -28.50 17.69 -24.98
N GLU C 137 -28.10 17.05 -23.89
CA GLU C 137 -29.06 16.59 -22.91
C GLU C 137 -28.94 17.39 -21.60
N VAL C 138 -30.09 17.66 -21.00
CA VAL C 138 -30.15 18.35 -19.73
C VAL C 138 -30.62 17.29 -18.73
N LEU C 139 -29.74 16.96 -17.80
CA LEU C 139 -30.07 15.95 -16.81
C LEU C 139 -30.22 16.60 -15.47
N VAL C 140 -31.23 16.19 -14.73
CA VAL C 140 -31.41 16.76 -13.42
C VAL C 140 -31.62 15.66 -12.39
N SER C 141 -31.54 16.02 -11.12
CA SER C 141 -31.80 15.08 -10.06
C SER C 141 -33.27 15.19 -9.64
N SER C 142 -33.75 14.11 -9.04
CA SER C 142 -35.13 14.06 -8.55
C SER C 142 -35.43 15.31 -7.75
N THR C 143 -34.45 15.76 -6.97
CA THR C 143 -34.69 16.95 -6.16
C THR C 143 -35.17 18.14 -7.01
N VAL C 144 -34.50 18.35 -8.14
CA VAL C 144 -34.86 19.44 -9.04
C VAL C 144 -36.24 19.19 -9.62
N ARG C 145 -36.53 17.95 -10.00
CA ARG C 145 -37.86 17.71 -10.52
C ARG C 145 -38.96 18.05 -9.47
N ASP C 146 -38.78 17.64 -8.21
CA ASP C 146 -39.75 17.89 -7.13
C ASP C 146 -39.91 19.37 -6.80
N ILE C 147 -38.81 20.09 -6.89
CA ILE C 147 -38.80 21.50 -6.57
C ILE C 147 -39.64 22.34 -7.55
N VAL C 148 -39.73 21.90 -8.81
CA VAL C 148 -40.49 22.62 -9.81
C VAL C 148 -41.83 21.98 -10.10
N ALA C 149 -42.29 21.13 -9.17
CA ALA C 149 -43.59 20.42 -9.25
C ALA C 149 -44.67 21.35 -9.70
N GLY C 150 -45.35 20.99 -10.79
CA GLY C 150 -46.41 21.85 -11.29
C GLY C 150 -46.04 22.93 -12.30
N SER C 151 -44.77 22.97 -12.69
CA SER C 151 -44.33 23.96 -13.67
C SER C 151 -44.54 23.33 -15.06
N ARG C 152 -44.27 24.11 -16.10
CA ARG C 152 -44.44 23.59 -17.44
C ARG C 152 -43.36 22.57 -17.83
N HIS C 153 -42.28 22.50 -17.07
CA HIS C 153 -41.19 21.56 -17.38
C HIS C 153 -41.56 20.13 -17.08
N ARG C 154 -41.26 19.24 -18.01
CA ARG C 154 -41.55 17.82 -17.84
C ARG C 154 -40.28 16.98 -17.87
N PHE C 155 -40.27 15.91 -17.08
CA PHE C 155 -39.11 15.04 -17.01
C PHE C 155 -39.45 13.57 -17.16
N ALA C 156 -38.48 12.82 -17.67
CA ALA C 156 -38.61 11.38 -17.83
C ALA C 156 -37.62 10.75 -16.85
N GLU C 157 -38.07 9.73 -16.11
CA GLU C 157 -37.24 9.02 -15.15
C GLU C 157 -36.13 8.33 -15.94
N ARG C 158 -34.89 8.56 -15.53
CA ARG C 158 -33.74 8.02 -16.23
C ARG C 158 -33.08 6.93 -15.40
N GLY C 159 -33.75 6.50 -14.36
CA GLY C 159 -33.19 5.45 -13.53
C GLY C 159 -32.58 5.97 -12.25
N GLU C 160 -31.96 5.07 -11.51
CA GLU C 160 -31.35 5.42 -10.24
C GLU C 160 -29.89 5.03 -10.09
N GLN C 161 -29.01 5.98 -10.37
CA GLN C 161 -27.57 5.79 -10.24
C GLN C 161 -27.23 5.79 -8.75
N GLU C 162 -25.97 5.55 -8.39
CA GLU C 162 -25.61 5.58 -6.98
C GLU C 162 -24.73 6.77 -6.61
N LEU C 163 -24.11 7.40 -7.61
CA LEU C 163 -23.24 8.55 -7.35
C LEU C 163 -22.32 8.19 -6.17
N LYS C 164 -21.31 7.38 -6.45
CA LYS C 164 -20.37 6.91 -5.43
C LYS C 164 -19.40 7.96 -4.90
N GLY C 165 -18.80 7.66 -3.74
CA GLY C 165 -17.88 8.57 -3.09
C GLY C 165 -18.65 9.62 -2.31
N VAL C 166 -19.97 9.50 -2.35
CA VAL C 166 -20.86 10.42 -1.65
C VAL C 166 -22.17 9.70 -1.28
N PRO C 167 -22.66 10.06 -0.10
CA PRO C 167 -23.88 9.42 0.44
C PRO C 167 -25.09 9.35 -0.54
N GLY C 168 -26.04 8.49 -0.28
CA GLY C 168 -27.26 8.53 -1.05
C GLY C 168 -27.58 7.43 -2.06
N ARG C 169 -28.86 7.44 -2.41
CA ARG C 169 -29.46 6.62 -3.41
C ARG C 169 -29.38 7.42 -4.73
N TRP C 170 -30.18 8.48 -4.93
CA TRP C 170 -30.20 9.41 -6.15
C TRP C 170 -30.84 8.84 -7.41
N ARG C 171 -31.93 9.50 -7.76
CA ARG C 171 -32.74 9.22 -8.94
C ARG C 171 -32.51 10.36 -9.93
N LEU C 172 -32.18 10.00 -11.17
CA LEU C 172 -31.96 11.00 -12.22
C LEU C 172 -33.16 11.13 -13.14
N CYS C 173 -33.36 12.34 -13.69
CA CYS C 173 -34.46 12.61 -14.62
C CYS C 173 -33.91 13.44 -15.81
N VAL C 174 -34.39 13.17 -17.01
CA VAL C 174 -33.96 13.91 -18.19
C VAL C 174 -35.02 14.95 -18.47
N LEU C 175 -34.62 16.11 -18.96
CA LEU C 175 -35.62 17.15 -19.23
C LEU C 175 -36.19 16.87 -20.62
N ARG C 177 -37.31 18.00 -23.84
CA ARG C 177 -37.12 19.21 -24.65
C ARG C 177 -37.85 19.10 -25.98
N ASP C 178 -37.87 20.22 -26.71
CA ASP C 178 -38.51 20.24 -28.01
C ASP C 178 -37.44 19.71 -28.96
N ASP C 179 -37.17 18.41 -28.77
CA ASP C 179 -36.16 17.64 -29.48
C ASP C 179 -36.27 16.20 -28.94
N ALA C 180 -35.62 15.26 -29.64
CA ALA C 180 -35.63 13.86 -29.22
C ALA C 180 -35.01 13.75 -27.84
N THR C 181 -35.70 13.08 -26.93
CA THR C 181 -35.19 12.94 -25.58
C THR C 181 -35.01 11.47 -25.24
N ARG C 182 -33.87 11.12 -24.63
CA ARG C 182 -33.57 9.73 -24.26
C ARG C 182 -34.54 9.23 -23.19
N THR C 183 -34.24 8.05 -22.62
CA THR C 183 -35.13 7.40 -21.65
C THR C 183 -36.40 7.19 -22.44
N ARG C 184 -36.28 6.31 -23.44
CA ARG C 184 -37.34 5.94 -24.38
C ARG C 184 -37.21 6.73 -25.71
N ALA D 13 -1.84 32.38 -20.70
CA ALA D 13 -2.25 31.15 -21.45
C ALA D 13 -1.03 30.32 -21.91
N GLU D 14 -0.14 30.00 -20.97
CA GLU D 14 1.09 29.23 -21.23
C GLU D 14 0.97 27.71 -21.17
N ARG D 15 1.52 27.02 -22.17
CA ARG D 15 1.54 25.55 -22.18
C ARG D 15 2.78 25.14 -21.38
N LEU D 17 4.81 21.94 -18.72
CA LEU D 17 4.90 20.63 -18.12
C LEU D 17 4.86 20.88 -16.61
N ALA D 18 3.93 20.24 -15.90
CA ALA D 18 3.86 20.45 -14.47
C ALA D 18 3.55 19.20 -13.67
N THR D 19 4.05 19.20 -12.44
CA THR D 19 3.79 18.13 -11.50
C THR D 19 2.68 18.72 -10.63
N ILE D 20 1.52 18.07 -10.55
CA ILE D 20 0.39 18.54 -9.77
C ILE D 20 0.03 17.56 -8.64
N PHE D 22 -2.82 16.62 -5.79
CA PHE D 22 -4.19 16.85 -5.34
C PHE D 22 -4.38 16.16 -4.01
N THR D 23 -5.02 16.85 -3.08
CA THR D 23 -5.24 16.22 -1.77
C THR D 23 -6.69 16.41 -1.40
N ASP D 24 -7.17 15.55 -0.54
CA ASP D 24 -8.56 15.64 -0.12
C ASP D 24 -8.73 14.99 1.26
N ILE D 25 -9.62 15.53 2.07
CA ILE D 25 -9.86 14.97 3.39
C ILE D 25 -10.80 13.78 3.31
N VAL D 26 -10.41 12.69 3.94
CA VAL D 26 -11.24 11.50 3.95
C VAL D 26 -12.42 11.75 4.89
N GLY D 27 -13.63 11.49 4.41
CA GLY D 27 -14.83 11.69 5.20
C GLY D 27 -15.15 13.11 5.64
N SER D 28 -14.81 14.12 4.85
CA SER D 28 -15.05 15.49 5.29
C SER D 28 -16.52 15.75 5.66
N THR D 29 -17.43 15.17 4.87
CA THR D 29 -18.85 15.33 5.10
C THR D 29 -19.28 14.83 6.49
N GLN D 30 -18.82 13.65 6.88
CA GLN D 30 -19.19 13.11 8.17
C GLN D 30 -18.51 13.89 9.33
N HIS D 31 -17.28 14.38 9.12
CA HIS D 31 -16.64 15.12 10.20
C HIS D 31 -17.43 16.39 10.43
N ALA D 32 -17.86 17.04 9.35
CA ALA D 32 -18.59 18.28 9.47
C ALA D 32 -19.95 18.09 10.12
N ALA D 33 -20.52 16.90 9.94
CA ALA D 33 -21.83 16.63 10.50
C ALA D 33 -21.71 16.23 11.98
N ALA D 34 -20.64 15.52 12.29
CA ALA D 34 -20.42 15.09 13.67
C ALA D 34 -19.90 16.22 14.57
N LEU D 35 -19.13 17.14 14.00
CA LEU D 35 -18.54 18.23 14.77
C LEU D 35 -19.37 19.50 14.81
N GLY D 36 -20.20 19.71 13.80
CA GLY D 36 -20.98 20.93 13.76
C GLY D 36 -20.12 22.01 13.14
N ASP D 37 -20.75 23.07 12.64
CA ASP D 37 -20.01 24.14 11.96
C ASP D 37 -18.83 24.75 12.68
N ASP D 38 -19.03 25.05 13.96
CA ASP D 38 -18.00 25.65 14.80
C ASP D 38 -16.69 24.86 14.83
N ARG D 39 -16.77 23.61 15.27
CA ARG D 39 -15.62 22.73 15.38
C ARG D 39 -15.02 22.33 14.04
N TRP D 40 -15.88 22.22 13.03
CA TRP D 40 -15.42 21.85 11.70
C TRP D 40 -14.58 22.99 11.13
N ARG D 41 -15.07 24.23 11.23
CA ARG D 41 -14.32 25.38 10.73
C ARG D 41 -12.93 25.42 11.38
N ASP D 42 -12.83 25.00 12.64
CA ASP D 42 -11.55 24.98 13.36
C ASP D 42 -10.57 24.01 12.69
N LEU D 43 -11.02 22.76 12.57
CA LEU D 43 -10.24 21.69 11.97
C LEU D 43 -9.77 22.07 10.54
N LEU D 44 -10.66 22.69 9.79
CA LEU D 44 -10.40 23.12 8.44
C LEU D 44 -9.37 24.25 8.42
N ASP D 45 -9.31 25.04 9.48
CA ASP D 45 -8.30 26.09 9.51
C ASP D 45 -6.95 25.43 9.89
N ASN D 46 -7.00 24.43 10.76
CA ASN D 46 -5.80 23.74 11.18
C ASN D 46 -5.21 23.00 9.97
N HIS D 47 -6.06 22.30 9.23
CA HIS D 47 -5.67 21.55 8.04
C HIS D 47 -5.03 22.47 7.00
N ASP D 48 -5.71 23.56 6.69
CA ASP D 48 -5.20 24.48 5.68
C ASP D 48 -3.88 25.12 6.06
N THR D 49 -3.78 25.53 7.32
CA THR D 49 -2.54 26.15 7.76
C THR D 49 -1.43 25.14 7.61
N ILE D 50 -1.68 23.91 8.05
CA ILE D 50 -0.69 22.85 7.96
C ILE D 50 -0.30 22.56 6.50
N VAL D 51 -1.30 22.28 5.67
CA VAL D 51 -1.02 21.96 4.28
C VAL D 51 -0.32 23.09 3.55
N CYS D 52 -0.78 24.32 3.76
CA CYS D 52 -0.17 25.48 3.10
C CYS D 52 1.30 25.64 3.53
N HIS D 53 1.60 25.39 4.80
CA HIS D 53 2.99 25.52 5.23
C HIS D 53 3.87 24.44 4.57
N GLU D 54 3.36 23.22 4.53
CA GLU D 54 4.07 22.10 3.94
C GLU D 54 4.39 22.40 2.46
N ILE D 55 3.39 22.87 1.72
CA ILE D 55 3.56 23.20 0.32
C ILE D 55 4.66 24.26 0.15
N GLN D 56 4.59 25.35 0.92
CA GLN D 56 5.61 26.41 0.85
C GLN D 56 6.96 25.78 1.12
N ARG D 57 7.04 25.02 2.21
CA ARG D 57 8.26 24.32 2.63
C ARG D 57 8.95 23.59 1.49
N PHE D 58 8.19 22.82 0.72
CA PHE D 58 8.79 22.08 -0.37
C PHE D 58 8.81 22.77 -1.73
N GLY D 59 8.57 24.07 -1.75
CA GLY D 59 8.59 24.81 -3.00
C GLY D 59 7.39 24.72 -3.93
N GLY D 60 6.24 24.30 -3.42
CA GLY D 60 5.07 24.19 -4.26
C GLY D 60 4.29 25.48 -4.32
N ARG D 61 3.35 25.54 -5.25
CA ARG D 61 2.53 26.71 -5.44
C ARG D 61 1.08 26.27 -5.47
N GLU D 62 0.29 26.86 -4.60
CA GLU D 62 -1.11 26.52 -4.58
C GLU D 62 -1.71 27.10 -5.84
N VAL D 63 -2.51 26.30 -6.53
CA VAL D 63 -3.14 26.75 -7.74
C VAL D 63 -4.60 26.62 -7.44
N ASN D 64 -5.33 27.66 -7.79
CA ASN D 64 -6.75 27.78 -7.53
C ASN D 64 -7.71 26.62 -7.67
N THR D 65 -8.63 26.62 -6.71
CA THR D 65 -9.74 25.69 -6.57
C THR D 65 -10.71 26.35 -5.58
N ALA D 66 -11.97 25.95 -5.65
CA ALA D 66 -12.99 26.45 -4.75
C ALA D 66 -13.45 25.21 -4.00
N GLY D 67 -13.00 24.07 -4.50
CA GLY D 67 -13.35 22.79 -3.94
C GLY D 67 -12.49 22.38 -2.78
N ASP D 68 -12.98 22.67 -1.57
CA ASP D 68 -12.36 22.34 -0.28
C ASP D 68 -10.94 21.76 -0.24
N GLY D 69 -10.65 20.79 -1.12
CA GLY D 69 -9.35 20.17 -1.16
C GLY D 69 -8.25 21.05 -1.73
N PHE D 70 -7.01 20.60 -1.61
CA PHE D 70 -5.88 21.33 -2.12
C PHE D 70 -5.34 20.83 -3.44
N VAL D 71 -4.79 21.74 -4.23
CA VAL D 71 -4.15 21.41 -5.50
C VAL D 71 -2.93 22.33 -5.57
N ALA D 72 -1.76 21.76 -5.85
CA ALA D 72 -0.54 22.55 -5.94
C ALA D 72 0.44 22.01 -6.98
N THR D 73 1.21 22.91 -7.58
CA THR D 73 2.21 22.52 -8.58
C THR D 73 3.62 22.65 -7.97
N PHE D 74 4.55 21.88 -8.49
CA PHE D 74 5.93 21.86 -8.05
C PHE D 74 6.84 21.77 -9.26
N THR D 75 7.94 22.52 -9.25
CA THR D 75 8.88 22.47 -10.38
C THR D 75 9.66 21.17 -10.27
N SER D 76 9.64 20.58 -9.08
CA SER D 76 10.30 19.33 -8.84
C SER D 76 9.33 18.19 -8.43
N PRO D 77 9.27 17.11 -9.22
CA PRO D 77 8.38 15.99 -8.88
C PRO D 77 8.84 15.26 -7.61
N SER D 78 10.14 15.32 -7.30
CA SER D 78 10.64 14.70 -6.08
C SER D 78 10.13 15.49 -4.89
N ALA D 79 10.13 16.82 -5.03
CA ALA D 79 9.62 17.71 -3.97
C ALA D 79 8.15 17.47 -3.70
N ALA D 80 7.39 17.21 -4.78
CA ALA D 80 5.96 16.95 -4.67
C ALA D 80 5.71 15.66 -3.87
N ILE D 81 6.49 14.61 -4.17
CA ILE D 81 6.31 13.33 -3.49
C ILE D 81 6.65 13.48 -2.02
N ALA D 82 7.80 14.10 -1.73
CA ALA D 82 8.24 14.28 -0.34
C ALA D 82 7.28 15.18 0.44
N CYS D 83 6.72 16.16 -0.26
CA CYS D 83 5.76 17.02 0.40
C CYS D 83 4.48 16.17 0.72
N ALA D 84 4.02 15.40 -0.24
CA ALA D 84 2.84 14.58 0.00
C ALA D 84 3.09 13.67 1.21
N ASP D 85 4.26 13.06 1.23
CA ASP D 85 4.59 12.14 2.30
C ASP D 85 4.50 12.80 3.67
N ASP D 86 5.03 14.00 3.75
CA ASP D 86 4.99 14.75 4.98
C ASP D 86 3.59 15.24 5.33
N ILE D 87 2.78 15.61 4.33
CA ILE D 87 1.43 16.09 4.64
C ILE D 87 0.60 14.99 5.30
N VAL D 88 0.72 13.77 4.80
CA VAL D 88 -0.02 12.66 5.35
C VAL D 88 0.25 12.51 6.85
N ASP D 89 1.52 12.53 7.25
CA ASP D 89 1.83 12.40 8.66
C ASP D 89 1.37 13.64 9.44
N ALA D 90 1.62 14.82 8.90
CA ALA D 90 1.26 16.04 9.61
C ALA D 90 -0.22 16.21 9.93
N VAL D 91 -1.11 15.97 8.96
CA VAL D 91 -2.51 16.14 9.24
C VAL D 91 -3.02 15.04 10.15
N ALA D 92 -2.33 13.91 10.17
CA ALA D 92 -2.75 12.82 11.03
C ALA D 92 -2.82 13.31 12.46
N ALA D 93 -2.04 14.35 12.74
CA ALA D 93 -1.98 14.95 14.07
C ALA D 93 -3.34 15.45 14.53
N LEU D 94 -4.13 15.94 13.58
CA LEU D 94 -5.47 16.48 13.85
C LEU D 94 -6.52 15.38 14.00
N GLY D 95 -6.10 14.13 13.88
CA GLY D 95 -7.07 13.06 13.97
C GLY D 95 -7.82 12.74 12.68
N ILE D 96 -7.43 13.34 11.56
CA ILE D 96 -8.08 13.06 10.27
C ILE D 96 -7.08 12.46 9.32
N GLU D 97 -7.58 11.89 8.22
CA GLU D 97 -6.71 11.34 7.21
C GLU D 97 -6.95 12.10 5.92
N VAL D 98 -5.97 12.01 5.03
CA VAL D 98 -6.06 12.72 3.78
C VAL D 98 -5.70 11.74 2.68
N ARG D 99 -6.20 11.95 1.47
CA ARG D 99 -5.83 11.07 0.35
C ARG D 99 -5.10 11.97 -0.66
N ILE D 100 -4.05 11.44 -1.29
CA ILE D 100 -3.26 12.26 -2.21
C ILE D 100 -2.89 11.60 -3.51
N GLY D 101 -3.06 12.37 -4.57
CA GLY D 101 -2.75 11.91 -5.92
C GLY D 101 -1.78 12.90 -6.57
N ILE D 102 -0.82 12.36 -7.29
CA ILE D 102 0.15 13.22 -7.96
C ILE D 102 0.24 12.78 -9.40
N HIS D 103 0.30 13.75 -10.32
CA HIS D 103 0.41 13.43 -11.74
C HIS D 103 1.22 14.54 -12.40
N ALA D 104 1.86 14.21 -13.51
CA ALA D 104 2.63 15.21 -14.26
C ALA D 104 2.20 15.18 -15.71
N GLY D 105 1.91 16.37 -16.24
CA GLY D 105 1.49 16.48 -17.62
C GLY D 105 1.53 17.92 -18.08
N GLU D 106 1.25 18.13 -19.35
CA GLU D 106 1.25 19.48 -19.91
C GLU D 106 -0.10 20.08 -19.54
N VAL D 107 -0.08 21.32 -19.09
CA VAL D 107 -1.31 21.99 -18.70
C VAL D 107 -1.24 23.44 -19.13
N GLU D 108 -2.40 24.07 -19.26
CA GLU D 108 -2.47 25.48 -19.61
C GLU D 108 -2.38 26.21 -18.27
N VAL D 109 -1.38 27.08 -18.12
CA VAL D 109 -1.20 27.84 -16.90
C VAL D 109 -1.56 29.31 -17.14
N ARG D 110 -2.12 29.95 -16.12
CA ARG D 110 -2.51 31.37 -16.20
C ARG D 110 -2.24 31.97 -14.84
N ASP D 111 -1.16 32.75 -14.75
CA ASP D 111 -0.78 33.38 -13.49
C ASP D 111 -1.47 34.75 -13.36
N ALA D 112 -2.27 34.90 -12.31
CA ALA D 112 -2.99 36.14 -12.07
C ALA D 112 -2.60 36.75 -10.72
N SER D 113 -3.38 37.73 -10.28
CA SER D 113 -3.14 38.39 -9.01
C SER D 113 -3.96 37.67 -7.96
N HIS D 114 -5.10 37.14 -8.39
CA HIS D 114 -6.01 36.39 -7.51
C HIS D 114 -5.45 34.98 -7.27
N GLY D 115 -4.36 34.65 -7.95
CA GLY D 115 -3.75 33.35 -7.81
C GLY D 115 -3.41 32.76 -9.16
N THR D 116 -3.06 31.48 -9.18
CA THR D 116 -2.71 30.79 -10.41
C THR D 116 -3.76 29.72 -10.73
N ASP D 117 -4.18 29.65 -11.99
CA ASP D 117 -5.15 28.65 -12.42
C ASP D 117 -4.49 27.69 -13.42
N VAL D 118 -4.82 26.43 -13.32
CA VAL D 118 -4.21 25.43 -14.17
C VAL D 118 -5.33 24.60 -14.78
N ALA D 119 -5.20 24.26 -16.06
CA ALA D 119 -6.24 23.49 -16.72
C ALA D 119 -5.71 22.47 -17.73
N GLY D 120 -6.58 21.54 -18.11
CA GLY D 120 -6.17 20.53 -19.07
C GLY D 120 -6.45 19.11 -18.63
N VAL D 121 -6.33 18.17 -19.58
CA VAL D 121 -6.56 16.77 -19.28
C VAL D 121 -5.69 16.31 -18.11
N ALA D 122 -4.44 16.79 -18.06
CA ALA D 122 -3.54 16.40 -16.98
C ALA D 122 -4.15 16.74 -15.63
N VAL D 123 -4.85 17.86 -15.56
CA VAL D 123 -5.48 18.27 -14.33
C VAL D 123 -6.60 17.29 -13.94
N HIS D 124 -7.35 16.81 -14.93
CA HIS D 124 -8.44 15.86 -14.66
C HIS D 124 -7.87 14.52 -14.23
N ILE D 125 -6.76 14.12 -14.84
CA ILE D 125 -6.14 12.87 -14.47
C ILE D 125 -5.66 12.97 -13.00
N GLY D 126 -5.00 14.07 -12.66
CA GLY D 126 -4.56 14.27 -11.29
C GLY D 126 -5.70 14.10 -10.28
N ALA D 127 -6.80 14.80 -10.50
CA ALA D 127 -7.95 14.72 -9.61
C ALA D 127 -8.46 13.27 -9.54
N ARG D 128 -8.42 12.56 -10.67
CA ARG D 128 -8.88 11.17 -10.72
C ARG D 128 -8.01 10.24 -9.87
N VAL D 129 -6.69 10.42 -9.99
CA VAL D 129 -5.75 9.62 -9.24
C VAL D 129 -5.96 9.84 -7.74
N CYS D 130 -6.21 11.09 -7.37
CA CYS D 130 -6.47 11.43 -5.99
C CYS D 130 -7.67 10.65 -5.49
N ALA D 131 -8.77 10.67 -6.24
CA ALA D 131 -9.99 9.94 -5.86
C ALA D 131 -9.76 8.45 -5.69
N LEU D 132 -8.85 7.88 -6.49
CA LEU D 132 -8.55 6.44 -6.39
C LEU D 132 -7.59 6.14 -5.25
N ALA D 133 -7.06 7.18 -4.62
CA ALA D 133 -6.12 6.97 -3.53
C ALA D 133 -6.88 6.64 -2.23
N GLY D 134 -6.31 5.73 -1.44
CA GLY D 134 -6.92 5.36 -0.18
C GLY D 134 -6.54 6.32 0.91
N PRO D 135 -7.18 6.22 2.07
CA PRO D 135 -6.86 7.12 3.20
C PRO D 135 -5.37 7.05 3.57
N SER D 136 -4.75 8.21 3.80
CA SER D 136 -3.33 8.29 4.17
C SER D 136 -2.40 7.69 3.11
N GLU D 137 -2.88 7.60 1.88
CA GLU D 137 -2.09 7.03 0.81
C GLU D 137 -1.67 8.09 -0.18
N VAL D 138 -0.50 7.90 -0.78
CA VAL D 138 -0.01 8.81 -1.80
C VAL D 138 -0.01 7.97 -3.07
N LEU D 139 -0.96 8.26 -3.95
CA LEU D 139 -1.06 7.52 -5.18
C LEU D 139 -0.49 8.37 -6.30
N VAL D 140 0.29 7.74 -7.14
CA VAL D 140 0.99 8.41 -8.20
C VAL D 140 0.77 7.74 -9.55
N SER D 141 0.78 8.52 -10.61
CA SER D 141 0.63 7.94 -11.95
C SER D 141 2.02 7.34 -12.34
N SER D 142 2.03 6.38 -13.27
CA SER D 142 3.31 5.77 -13.70
C SER D 142 4.17 6.84 -14.36
N THR D 143 3.54 7.89 -14.85
CA THR D 143 4.28 8.98 -15.44
C THR D 143 5.17 9.60 -14.37
N VAL D 144 4.61 9.81 -13.18
CA VAL D 144 5.36 10.40 -12.09
C VAL D 144 6.44 9.44 -11.62
N ARG D 145 6.12 8.15 -11.52
CA ARG D 145 7.16 7.21 -11.11
C ARG D 145 8.35 7.31 -12.09
N ASP D 146 8.05 7.24 -13.39
CA ASP D 146 9.08 7.34 -14.46
C ASP D 146 9.93 8.60 -14.33
N ILE D 147 9.29 9.75 -14.11
CA ILE D 147 9.97 11.03 -13.97
C ILE D 147 11.04 11.02 -12.87
N VAL D 148 10.80 10.31 -11.77
CA VAL D 148 11.72 10.26 -10.64
C VAL D 148 12.48 8.95 -10.59
N ALA D 149 12.68 8.37 -11.77
CA ALA D 149 13.44 7.14 -11.90
C ALA D 149 14.82 7.46 -11.32
N GLY D 150 15.29 6.70 -10.34
CA GLY D 150 16.62 6.97 -9.79
C GLY D 150 16.63 7.62 -8.41
N SER D 151 15.52 8.25 -8.07
CA SER D 151 15.35 8.90 -6.79
C SER D 151 15.28 7.81 -5.72
N ARG D 152 15.16 8.23 -4.48
CA ARG D 152 15.07 7.30 -3.36
C ARG D 152 13.65 6.75 -3.19
N HIS D 153 12.66 7.30 -3.92
CA HIS D 153 11.29 6.81 -3.72
C HIS D 153 10.98 5.42 -4.27
N ARG D 154 10.19 4.67 -3.51
CA ARG D 154 9.77 3.32 -3.91
C ARG D 154 8.23 3.22 -4.06
N PHE D 155 7.78 2.43 -5.04
CA PHE D 155 6.36 2.27 -5.32
C PHE D 155 5.90 0.81 -5.50
N ALA D 156 4.62 0.58 -5.29
CA ALA D 156 4.03 -0.73 -5.51
C ALA D 156 3.07 -0.42 -6.65
N GLU D 157 3.27 -1.07 -7.79
CA GLU D 157 2.42 -0.79 -8.94
C GLU D 157 1.15 -1.61 -9.01
N ARG D 158 0.02 -0.92 -8.96
CA ARG D 158 -1.26 -1.58 -9.10
C ARG D 158 -1.49 -1.77 -10.60
N GLY D 159 -2.54 -2.50 -10.96
CA GLY D 159 -2.80 -2.76 -12.36
C GLY D 159 -3.17 -1.58 -13.23
N GLU D 160 -3.10 -1.81 -14.54
CA GLU D 160 -3.46 -0.77 -15.50
C GLU D 160 -4.98 -0.69 -15.57
N GLN D 161 -5.46 0.51 -15.88
CA GLN D 161 -6.89 0.76 -15.96
C GLN D 161 -7.14 2.05 -16.70
N GLU D 162 -8.39 2.29 -17.03
CA GLU D 162 -8.74 3.52 -17.71
C GLU D 162 -9.47 4.40 -16.72
N LEU D 163 -9.08 5.67 -16.70
CA LEU D 163 -9.70 6.66 -15.84
C LEU D 163 -10.80 7.18 -16.77
N LYS D 164 -12.02 6.72 -16.55
CA LYS D 164 -13.13 7.12 -17.40
C LYS D 164 -13.24 8.63 -17.49
N GLY D 165 -13.24 9.12 -18.73
CA GLY D 165 -13.30 10.55 -19.00
C GLY D 165 -11.93 11.05 -19.40
N VAL D 166 -11.02 10.11 -19.72
CA VAL D 166 -9.64 10.44 -20.09
C VAL D 166 -9.09 9.49 -21.16
N PRO D 167 -8.28 10.03 -22.10
CA PRO D 167 -7.67 9.24 -23.18
C PRO D 167 -6.59 8.32 -22.63
N GLY D 168 -6.44 7.13 -23.20
CA GLY D 168 -5.39 6.24 -22.75
C GLY D 168 -5.68 5.37 -21.54
N ARG D 169 -4.69 4.55 -21.20
CA ARG D 169 -4.74 3.61 -20.08
C ARG D 169 -3.64 3.96 -19.06
N TRP D 170 -4.00 4.01 -17.77
CA TRP D 170 -3.02 4.39 -16.76
C TRP D 170 -2.69 3.36 -15.68
N ARG D 171 -1.42 3.26 -15.37
CA ARG D 171 -0.98 2.37 -14.32
C ARG D 171 -0.73 3.26 -13.09
N LEU D 172 -1.35 2.95 -11.95
CA LEU D 172 -1.18 3.77 -10.75
C LEU D 172 -0.27 3.12 -9.72
N CYS D 173 0.62 3.92 -9.13
CA CYS D 173 1.58 3.42 -8.15
C CYS D 173 1.46 4.04 -6.76
N VAL D 174 1.49 3.19 -5.75
CA VAL D 174 1.40 3.62 -4.36
C VAL D 174 2.80 3.87 -3.79
N LEU D 175 2.99 5.01 -3.15
CA LEU D 175 4.30 5.33 -2.55
C LEU D 175 4.52 4.44 -1.34
N ARG D 177 5.60 4.18 1.97
CA ARG D 177 5.88 5.13 3.04
C ARG D 177 6.62 4.48 4.21
N ASP D 178 6.81 5.19 5.31
CA ASP D 178 7.56 4.59 6.41
C ASP D 178 6.77 4.31 7.68
N ASP D 179 6.28 5.37 8.31
CA ASP D 179 5.51 5.24 9.55
C ASP D 179 6.37 4.64 10.68
#